data_2QNY
#
_entry.id   2QNY
#
_cell.length_a   67.704
_cell.length_b   88.689
_cell.length_c   229.903
_cell.angle_alpha   90.00
_cell.angle_beta   90.00
_cell.angle_gamma   90.00
#
_symmetry.space_group_name_H-M   'C 2 2 21'
#
loop_
_entity.id
_entity.type
_entity.pdbx_description
1 polymer '3-oxoacyl-[acyl-carrier-protein] synthase 3'
2 non-polymer 'DECYL FORMATE'
3 non-polymer BETA-MERCAPTOETHANOL
4 water water
#
_entity_poly.entity_id   1
_entity_poly.type   'polypeptide(L)'
_entity_poly.pdbx_seq_one_letter_code
;MTEIATTSGARSVGLLSVGAYRPERVVTNDEICQHIDSSDEWIYTRTGIKTRRFAADDESAASMATEACRRALSNAGLSA
ADIDGVIVTTNTHFLQTPPAAPMVAASLGAKGILGFDLSAGCAGFGYALGAAADMIRGGGAATMLVVGTEKLSPTIDMYD
RGNCFIFADGAAAVVVGETPFQGIGPTVAGSDGEQADAIRQDIDWITFAQNPSGPRPFVRLEGPAVFRWAAFKMGDVGRR
AMDAAGVRPDQIDVFVPHQFNSRINELLVKNLQLRPDAVVANDIEHTGNTSAASIPLAMAELLTTGAAKPGDLALLIGYG
AGLSYAAQVVRMPKG
;
_entity_poly.pdbx_strand_id   A,B
#
# COMPACT_ATOMS: atom_id res chain seq x y z
N THR A 2 9.10 -20.58 -24.67
CA THR A 2 9.16 -19.09 -24.91
C THR A 2 9.55 -18.36 -23.63
N GLU A 3 10.41 -17.35 -23.77
CA GLU A 3 10.83 -16.55 -22.62
C GLU A 3 9.89 -15.36 -22.41
N ILE A 4 9.44 -15.18 -21.17
CA ILE A 4 8.61 -14.04 -20.82
C ILE A 4 9.44 -12.77 -21.01
N ALA A 5 8.89 -11.80 -21.73
CA ALA A 5 9.59 -10.57 -22.05
C ALA A 5 9.73 -9.65 -20.84
N THR A 6 10.68 -8.74 -20.91
CA THR A 6 10.91 -7.77 -19.84
C THR A 6 10.91 -6.35 -20.40
N THR A 7 10.24 -5.44 -19.71
CA THR A 7 10.29 -4.03 -20.05
C THR A 7 11.51 -3.36 -19.41
N SER A 8 11.83 -2.17 -19.88
CA SER A 8 12.89 -1.38 -19.30
C SER A 8 12.46 0.07 -19.30
N GLY A 9 12.88 0.81 -18.27
CA GLY A 9 12.52 2.21 -18.15
C GLY A 9 13.73 3.11 -18.01
N ALA A 10 13.49 4.31 -17.48
CA ALA A 10 14.54 5.30 -17.27
C ALA A 10 15.57 4.76 -16.29
N ARG A 11 16.83 5.16 -16.49
CA ARG A 11 17.91 4.84 -15.55
C ARG A 11 17.94 5.87 -14.42
N SER A 12 17.93 7.14 -14.80
CA SER A 12 17.98 8.24 -13.86
C SER A 12 16.57 8.75 -13.60
N VAL A 13 16.21 8.78 -12.32
CA VAL A 13 14.88 9.13 -11.88
C VAL A 13 15.03 10.13 -10.74
N GLY A 14 14.10 11.08 -10.63
CA GLY A 14 14.19 12.12 -9.61
C GLY A 14 12.87 12.74 -9.23
N LEU A 15 12.90 13.64 -8.26
CA LEU A 15 11.73 14.36 -7.82
C LEU A 15 11.58 15.63 -8.63
N LEU A 16 10.64 15.63 -9.57
CA LEU A 16 10.44 16.76 -10.46
C LEU A 16 9.82 17.94 -9.72
N SER A 17 8.91 17.65 -8.80
CA SER A 17 8.17 18.71 -8.11
C SER A 17 7.59 18.22 -6.80
N VAL A 18 7.27 19.18 -5.94
CA VAL A 18 6.44 18.94 -4.77
C VAL A 18 5.31 19.97 -4.77
N GLY A 19 4.15 19.55 -4.29
CA GLY A 19 2.99 20.42 -4.16
C GLY A 19 2.34 20.11 -2.83
N ALA A 20 1.93 21.14 -2.10
CA ALA A 20 1.43 20.97 -0.75
C ALA A 20 0.07 21.62 -0.55
N TYR A 21 -0.81 20.88 0.13
CA TYR A 21 -2.06 21.46 0.61
C TYR A 21 -2.14 21.38 2.13
N ARG A 22 -2.31 22.55 2.75
CA ARG A 22 -2.51 22.65 4.19
C ARG A 22 -3.88 23.26 4.45
N PRO A 23 -4.73 22.54 5.23
CA PRO A 23 -6.07 23.00 5.60
C PRO A 23 -6.06 24.39 6.22
N GLU A 24 -7.14 25.12 6.01
CA GLU A 24 -7.26 26.54 6.37
C GLU A 24 -7.21 26.83 7.87
N ARG A 25 -7.88 25.98 8.66
CA ARG A 25 -8.03 26.23 10.09
C ARG A 25 -6.72 26.06 10.85
N VAL A 26 -6.27 27.15 11.48
CA VAL A 26 -5.10 27.09 12.34
C VAL A 26 -5.55 26.82 13.78
N VAL A 27 -4.95 25.81 14.40
CA VAL A 27 -5.20 25.48 15.80
C VAL A 27 -3.94 25.71 16.63
N THR A 28 -3.93 26.80 17.39
CA THR A 28 -2.78 27.17 18.23
C THR A 28 -2.68 26.28 19.46
N ASN A 29 -1.51 26.27 20.10
CA ASN A 29 -1.32 25.56 21.36
C ASN A 29 -2.30 26.01 22.43
N ASP A 30 -2.50 27.33 22.55
CA ASP A 30 -3.44 27.89 23.54
C ASP A 30 -4.88 27.47 23.25
N GLU A 31 -5.25 27.44 21.97
CA GLU A 31 -6.58 27.04 21.53
C GLU A 31 -6.85 25.57 21.89
N ILE A 32 -5.89 24.69 21.60
CA ILE A 32 -6.06 23.26 21.79
C ILE A 32 -5.89 22.84 23.26
N CYS A 33 -5.22 23.68 24.05
CA CYS A 33 -4.91 23.34 25.43
C CYS A 33 -5.26 24.46 26.41
N GLN A 34 -6.50 24.44 26.91
CA GLN A 34 -6.99 25.46 27.83
C GLN A 34 -7.20 24.89 29.22
N SER A 38 0.43 27.90 31.13
CA SER A 38 1.61 27.99 30.27
C SER A 38 1.63 26.86 29.25
N SER A 39 0.46 26.57 28.68
CA SER A 39 0.28 25.45 27.74
C SER A 39 1.09 25.62 26.45
N ASP A 40 1.21 26.87 25.99
N ASP A 40 1.21 26.87 25.99
CA ASP A 40 1.99 27.17 24.78
CA ASP A 40 1.98 27.21 24.80
C ASP A 40 3.46 26.80 24.96
C ASP A 40 3.45 26.80 24.98
N GLU A 41 4.04 27.18 26.10
CA GLU A 41 5.42 26.83 26.43
C GLU A 41 5.60 25.33 26.63
N TRP A 42 4.68 24.73 27.39
CA TRP A 42 4.70 23.30 27.70
C TRP A 42 4.77 22.42 26.43
N ILE A 43 3.85 22.67 25.50
CA ILE A 43 3.76 21.90 24.26
C ILE A 43 4.97 22.16 23.37
N TYR A 44 5.31 23.44 23.20
CA TYR A 44 6.41 23.83 22.32
C TYR A 44 7.76 23.24 22.75
N THR A 45 8.06 23.30 24.05
N THR A 45 8.05 23.32 24.05
CA THR A 45 9.34 22.80 24.55
CA THR A 45 9.31 22.80 24.61
C THR A 45 9.50 21.27 24.43
C THR A 45 9.46 21.29 24.37
N ARG A 46 8.38 20.56 24.53
CA ARG A 46 8.39 19.09 24.43
C ARG A 46 8.34 18.56 22.99
N THR A 47 7.72 19.32 22.08
CA THR A 47 7.45 18.81 20.74
C THR A 47 8.00 19.69 19.60
N GLY A 48 8.10 20.99 19.84
CA GLY A 48 8.50 21.94 18.80
C GLY A 48 7.31 22.53 18.05
N ILE A 49 6.11 22.10 18.41
CA ILE A 49 4.89 22.56 17.77
C ILE A 49 4.39 23.86 18.39
N LYS A 50 4.04 24.83 17.55
CA LYS A 50 3.39 26.05 18.00
C LYS A 50 1.93 26.00 17.58
N THR A 51 1.70 25.69 16.30
CA THR A 51 0.38 25.57 15.74
C THR A 51 0.31 24.35 14.82
N ARG A 52 -0.91 23.93 14.47
CA ARG A 52 -1.13 22.89 13.47
C ARG A 52 -2.43 23.17 12.72
N ARG A 53 -2.62 22.48 11.59
CA ARG A 53 -3.82 22.66 10.78
C ARG A 53 -4.80 21.50 10.94
N PHE A 54 -6.07 21.84 11.10
CA PHE A 54 -7.16 20.86 11.10
C PHE A 54 -8.01 21.02 9.84
N ALA A 55 -8.29 19.89 9.19
CA ALA A 55 -9.16 19.87 8.02
C ALA A 55 -10.62 20.09 8.41
N ALA A 56 -11.42 20.58 7.46
CA ALA A 56 -12.85 20.79 7.67
C ALA A 56 -13.57 19.45 7.64
N ASP A 57 -14.81 19.45 8.11
CA ASP A 57 -15.63 18.23 8.16
C ASP A 57 -15.89 17.60 6.78
N ASP A 58 -15.99 18.43 5.74
CA ASP A 58 -16.25 17.95 4.39
C ASP A 58 -14.98 17.52 3.64
N GLU A 59 -13.83 17.66 4.28
CA GLU A 59 -12.55 17.26 3.70
C GLU A 59 -12.16 15.86 4.13
N SER A 60 -11.36 15.19 3.31
CA SER A 60 -10.88 13.84 3.61
C SER A 60 -9.43 13.68 3.16
N ALA A 61 -8.85 12.53 3.50
CA ALA A 61 -7.52 12.18 3.04
C ALA A 61 -7.44 12.26 1.51
N ALA A 62 -8.45 11.69 0.83
CA ALA A 62 -8.50 11.69 -0.63
C ALA A 62 -8.63 13.10 -1.23
N SER A 63 -9.47 13.95 -0.64
CA SER A 63 -9.72 15.29 -1.17
C SER A 63 -8.50 16.21 -1.05
N MET A 64 -7.78 16.08 0.06
CA MET A 64 -6.54 16.82 0.27
C MET A 64 -5.43 16.29 -0.65
N ALA A 65 -5.38 14.96 -0.82
CA ALA A 65 -4.45 14.33 -1.75
C ALA A 65 -4.64 14.87 -3.17
N THR A 66 -5.90 15.01 -3.58
CA THR A 66 -6.23 15.53 -4.90
C THR A 66 -5.69 16.96 -5.11
N GLU A 67 -5.94 17.84 -4.13
CA GLU A 67 -5.45 19.22 -4.19
C GLU A 67 -3.93 19.29 -4.19
N ALA A 68 -3.29 18.46 -3.38
CA ALA A 68 -1.82 18.35 -3.38
C ALA A 68 -1.28 17.89 -4.73
N CYS A 69 -1.94 16.90 -5.35
CA CYS A 69 -1.56 16.43 -6.67
C CYS A 69 -1.69 17.51 -7.75
N ARG A 70 -2.78 18.27 -7.70
CA ARG A 70 -2.97 19.37 -8.66
CA ARG A 70 -3.00 19.39 -8.63
C ARG A 70 -1.81 20.36 -8.58
N ARG A 71 -1.38 20.65 -7.35
CA ARG A 71 -0.30 21.60 -7.11
C ARG A 71 1.06 21.05 -7.53
N ALA A 72 1.28 19.76 -7.27
CA ALA A 72 2.51 19.07 -7.68
C ALA A 72 2.65 19.02 -9.20
N LEU A 73 1.54 18.72 -9.89
CA LEU A 73 1.53 18.71 -11.35
C LEU A 73 1.91 20.06 -11.93
N SER A 74 1.35 21.12 -11.36
CA SER A 74 1.60 22.48 -11.79
C SER A 74 3.08 22.85 -11.64
N ASN A 75 3.67 22.50 -10.50
CA ASN A 75 5.09 22.78 -10.24
C ASN A 75 6.04 21.97 -11.13
N ALA A 76 5.56 20.86 -11.66
CA ALA A 76 6.36 19.99 -12.55
C ALA A 76 6.20 20.38 -14.02
N GLY A 77 5.29 21.31 -14.30
CA GLY A 77 4.95 21.68 -15.67
C GLY A 77 4.19 20.59 -16.41
N LEU A 78 3.34 19.87 -15.68
CA LEU A 78 2.60 18.75 -16.24
C LEU A 78 1.10 18.86 -16.00
N SER A 79 0.33 18.11 -16.81
CA SER A 79 -1.10 17.94 -16.60
C SER A 79 -1.35 16.48 -16.23
N ALA A 80 -2.58 16.14 -15.83
CA ALA A 80 -2.92 14.77 -15.45
C ALA A 80 -2.67 13.76 -16.57
N ALA A 81 -2.78 14.21 -17.82
CA ALA A 81 -2.54 13.35 -18.99
C ALA A 81 -1.08 12.89 -19.13
N ASP A 82 -0.17 13.53 -18.38
CA ASP A 82 1.25 13.18 -18.37
C ASP A 82 1.55 12.08 -17.35
N ILE A 83 0.60 11.82 -16.47
CA ILE A 83 0.79 10.87 -15.38
C ILE A 83 0.35 9.46 -15.76
N ASP A 84 1.19 8.49 -15.43
CA ASP A 84 0.93 7.08 -15.74
C ASP A 84 0.44 6.29 -14.54
N GLY A 85 0.62 6.86 -13.34
CA GLY A 85 0.20 6.17 -12.12
C GLY A 85 0.28 7.03 -10.89
N VAL A 86 -0.47 6.63 -9.86
CA VAL A 86 -0.51 7.37 -8.60
C VAL A 86 -0.52 6.43 -7.40
N ILE A 87 0.42 6.65 -6.48
CA ILE A 87 0.40 5.94 -5.20
C ILE A 87 -0.01 6.92 -4.13
N VAL A 88 -1.08 6.58 -3.41
CA VAL A 88 -1.50 7.34 -2.24
C VAL A 88 -0.94 6.63 -1.02
N THR A 89 -0.22 7.37 -0.18
CA THR A 89 0.17 6.81 1.11
C THR A 89 -0.52 7.54 2.26
N THR A 90 -1.18 6.76 3.11
CA THR A 90 -2.06 7.31 4.12
C THR A 90 -2.35 6.27 5.21
N ASN A 91 -2.81 6.77 6.35
CA ASN A 91 -3.26 5.95 7.47
C ASN A 91 -4.65 6.37 7.90
N THR A 92 -5.19 7.37 7.22
CA THR A 92 -6.46 7.97 7.62
C THR A 92 -7.47 8.06 6.47
N HIS A 93 -7.39 7.08 5.56
CA HIS A 93 -8.48 6.84 4.62
C HIS A 93 -9.43 5.86 5.31
N PHE A 94 -10.61 6.35 5.70
CA PHE A 94 -11.48 5.62 6.62
C PHE A 94 -12.48 4.65 5.97
N LEU A 95 -12.10 4.09 4.82
CA LEU A 95 -12.85 3.01 4.19
C LEU A 95 -11.92 1.85 3.91
N GLN A 96 -12.35 0.64 4.24
CA GLN A 96 -11.59 -0.57 3.88
C GLN A 96 -11.46 -0.65 2.36
N THR A 97 -12.51 -0.18 1.67
CA THR A 97 -12.54 -0.08 0.21
C THR A 97 -13.71 0.86 -0.15
N PRO A 98 -13.63 1.56 -1.31
CA PRO A 98 -12.55 1.54 -2.30
C PRO A 98 -11.27 2.21 -1.78
N PRO A 99 -10.12 1.92 -2.42
CA PRO A 99 -8.90 2.64 -2.09
C PRO A 99 -8.97 4.09 -2.59
N ALA A 100 -8.17 4.96 -2.00
CA ALA A 100 -8.18 6.38 -2.34
C ALA A 100 -7.64 6.67 -3.74
N ALA A 101 -6.59 5.95 -4.14
CA ALA A 101 -5.89 6.21 -5.40
C ALA A 101 -6.76 6.36 -6.65
N PRO A 102 -7.69 5.40 -6.91
CA PRO A 102 -8.56 5.58 -8.09
C PRO A 102 -9.47 6.81 -7.99
N MET A 103 -9.99 7.10 -6.80
CA MET A 103 -10.81 8.29 -6.57
C MET A 103 -10.04 9.56 -6.90
N VAL A 104 -8.78 9.62 -6.44
CA VAL A 104 -7.88 10.74 -6.69
C VAL A 104 -7.59 10.89 -8.18
N ALA A 105 -7.26 9.77 -8.83
CA ALA A 105 -7.06 9.73 -10.28
C ALA A 105 -8.25 10.32 -11.05
N ALA A 106 -9.46 9.97 -10.61
CA ALA A 106 -10.69 10.44 -11.25
C ALA A 106 -10.88 11.95 -11.10
N SER A 107 -10.69 12.43 -9.88
CA SER A 107 -10.83 13.86 -9.58
C SER A 107 -9.85 14.70 -10.41
N LEU A 108 -8.67 14.13 -10.67
CA LEU A 108 -7.65 14.78 -11.49
C LEU A 108 -7.98 14.79 -12.98
N GLY A 109 -9.02 14.03 -13.37
CA GLY A 109 -9.42 13.93 -14.78
C GLY A 109 -8.64 12.86 -15.53
N ALA A 110 -8.10 11.90 -14.77
CA ALA A 110 -7.34 10.78 -15.33
C ALA A 110 -7.79 9.48 -14.68
N LYS A 111 -9.08 9.17 -14.83
CA LYS A 111 -9.73 8.06 -14.12
C LYS A 111 -9.16 6.67 -14.41
N GLY A 112 -8.43 6.54 -15.52
CA GLY A 112 -7.99 5.24 -16.03
C GLY A 112 -6.63 4.76 -15.58
N ILE A 113 -5.83 5.67 -15.02
CA ILE A 113 -4.44 5.36 -14.67
C ILE A 113 -4.31 4.43 -13.47
N LEU A 114 -3.25 3.63 -13.47
CA LEU A 114 -2.98 2.68 -12.39
C LEU A 114 -2.74 3.38 -11.06
N GLY A 115 -2.97 2.66 -9.96
CA GLY A 115 -2.70 3.19 -8.64
C GLY A 115 -3.24 2.33 -7.51
N PHE A 116 -2.67 2.55 -6.33
CA PHE A 116 -3.06 1.83 -5.13
C PHE A 116 -2.75 2.67 -3.89
N ASP A 117 -3.30 2.25 -2.76
CA ASP A 117 -2.95 2.84 -1.47
C ASP A 117 -1.85 2.03 -0.81
N LEU A 118 -0.90 2.73 -0.19
CA LEU A 118 0.20 2.10 0.55
C LEU A 118 0.18 2.55 2.01
N SER A 119 0.12 1.58 2.93
CA SER A 119 0.13 1.90 4.36
C SER A 119 1.34 1.31 5.08
N ALA A 120 2.10 2.19 5.74
CA ALA A 120 3.26 1.77 6.55
C ALA A 120 3.57 2.81 7.63
N GLY A 121 2.51 3.31 8.26
CA GLY A 121 2.62 4.43 9.19
C GLY A 121 3.23 5.63 8.51
N CYS A 122 4.14 6.31 9.21
N CYS A 122 4.14 6.28 9.23
CA CYS A 122 4.82 7.49 8.64
CA CYS A 122 4.85 7.47 8.76
C CYS A 122 6.20 7.10 8.08
C CYS A 122 5.83 7.11 7.63
N ALA A 123 6.29 5.85 7.62
CA ALA A 123 7.34 5.40 6.65
C ALA A 123 6.75 5.20 5.24
N GLY A 124 5.42 5.33 5.15
CA GLY A 124 4.71 5.10 3.89
C GLY A 124 5.22 5.91 2.70
N PHE A 125 5.64 7.15 2.96
CA PHE A 125 6.11 8.02 1.88
C PHE A 125 7.41 7.51 1.24
N GLY A 126 8.37 7.15 2.08
CA GLY A 126 9.63 6.56 1.63
C GLY A 126 9.43 5.26 0.85
N TYR A 127 8.56 4.39 1.38
CA TYR A 127 8.20 3.14 0.68
C TYR A 127 7.56 3.42 -0.68
N ALA A 128 6.65 4.39 -0.71
CA ALA A 128 5.91 4.75 -1.93
C ALA A 128 6.82 5.43 -2.95
N LEU A 129 7.77 6.22 -2.46
CA LEU A 129 8.75 6.87 -3.32
C LEU A 129 9.64 5.80 -3.95
N GLY A 130 10.10 4.87 -3.12
CA GLY A 130 10.91 3.75 -3.59
C GLY A 130 10.20 2.88 -4.61
N ALA A 131 8.93 2.56 -4.33
CA ALA A 131 8.10 1.77 -5.24
C ALA A 131 7.85 2.47 -6.58
N ALA A 132 7.61 3.78 -6.53
CA ALA A 132 7.40 4.57 -7.75
C ALA A 132 8.66 4.59 -8.59
N ALA A 133 9.81 4.85 -7.96
CA ALA A 133 11.11 4.87 -8.64
C ALA A 133 11.45 3.51 -9.27
N ASP A 134 11.18 2.43 -8.55
CA ASP A 134 11.40 1.07 -9.05
C ASP A 134 10.48 0.72 -10.22
N MET A 135 9.24 1.20 -10.16
CA MET A 135 8.26 0.94 -11.22
C MET A 135 8.61 1.69 -12.51
N ILE A 136 9.08 2.93 -12.36
CA ILE A 136 9.46 3.76 -13.50
C ILE A 136 10.70 3.19 -14.20
N ARG A 137 11.70 2.81 -13.42
CA ARG A 137 12.94 2.21 -13.94
C ARG A 137 12.69 0.84 -14.58
N GLY A 138 11.68 0.14 -14.09
CA GLY A 138 11.29 -1.16 -14.64
C GLY A 138 10.48 -1.07 -15.92
N GLY A 139 10.04 0.15 -16.26
CA GLY A 139 9.25 0.39 -17.47
C GLY A 139 7.74 0.24 -17.28
N GLY A 140 7.30 0.06 -16.04
CA GLY A 140 5.87 -0.08 -15.74
C GLY A 140 5.12 1.24 -15.81
N ALA A 141 5.88 2.33 -15.84
CA ALA A 141 5.37 3.70 -15.87
C ALA A 141 6.53 4.61 -16.26
N ALA A 142 6.22 5.82 -16.74
CA ALA A 142 7.25 6.80 -17.07
C ALA A 142 7.26 7.93 -16.06
N THR A 143 6.08 8.38 -15.66
CA THR A 143 5.92 9.49 -14.72
C THR A 143 4.81 9.16 -13.74
N MET A 144 5.06 9.44 -12.45
CA MET A 144 4.12 9.06 -11.40
C MET A 144 3.93 10.12 -10.34
N LEU A 145 2.72 10.12 -9.75
CA LEU A 145 2.43 10.90 -8.55
C LEU A 145 2.56 10.02 -7.32
N VAL A 146 3.20 10.56 -6.30
CA VAL A 146 3.25 9.93 -4.98
C VAL A 146 2.79 11.00 -4.01
N VAL A 147 1.67 10.72 -3.35
CA VAL A 147 1.09 11.68 -2.42
C VAL A 147 0.90 11.07 -1.02
N GLY A 148 1.51 11.74 -0.03
CA GLY A 148 1.25 11.46 1.36
C GLY A 148 0.11 12.35 1.82
N THR A 149 -0.92 11.75 2.38
CA THR A 149 -2.10 12.49 2.86
C THR A 149 -2.60 11.93 4.19
N GLU A 150 -3.08 12.84 5.05
CA GLU A 150 -3.47 12.45 6.39
C GLU A 150 -4.54 13.39 6.97
N LYS A 151 -5.64 12.79 7.42
CA LYS A 151 -6.61 13.51 8.24
C LYS A 151 -6.65 12.86 9.63
N LEU A 152 -5.73 13.28 10.49
CA LEU A 152 -5.57 12.70 11.82
C LEU A 152 -6.50 13.27 12.88
N SER A 153 -6.95 14.51 12.68
CA SER A 153 -7.77 15.19 13.71
C SER A 153 -9.00 14.40 14.24
N PRO A 154 -9.74 13.68 13.37
CA PRO A 154 -10.87 12.88 13.89
C PRO A 154 -10.46 11.66 14.72
N THR A 155 -9.19 11.27 14.66
CA THR A 155 -8.69 10.11 15.40
C THR A 155 -8.13 10.49 16.78
N ILE A 156 -8.12 11.78 17.08
CA ILE A 156 -7.52 12.24 18.34
C ILE A 156 -8.50 12.19 19.50
N ASP A 157 -8.09 11.52 20.58
CA ASP A 157 -8.77 11.59 21.85
C ASP A 157 -8.27 12.87 22.54
N MET A 158 -9.10 13.90 22.53
CA MET A 158 -8.73 15.21 23.10
C MET A 158 -8.47 15.20 24.60
N TYR A 159 -8.79 14.08 25.26
CA TYR A 159 -8.46 13.87 26.67
C TYR A 159 -7.15 13.10 26.88
N ASP A 160 -6.56 12.63 25.78
CA ASP A 160 -5.27 11.94 25.84
C ASP A 160 -4.14 12.97 25.88
N ARG A 161 -3.69 13.28 27.08
CA ARG A 161 -2.69 14.32 27.32
C ARG A 161 -1.29 13.91 26.89
N GLY A 162 -1.18 12.70 26.36
CA GLY A 162 0.09 12.18 25.86
C GLY A 162 0.32 12.42 24.38
N ASN A 163 -0.75 12.66 23.62
CA ASN A 163 -0.63 12.84 22.17
C ASN A 163 -1.58 13.83 21.48
N CYS A 164 -2.57 14.34 22.21
CA CYS A 164 -3.64 15.15 21.58
C CYS A 164 -3.14 16.39 20.83
N PHE A 165 -2.01 16.94 21.27
CA PHE A 165 -1.38 18.14 20.69
C PHE A 165 -0.37 17.81 19.58
N ILE A 166 -0.21 16.52 19.28
CA ILE A 166 0.83 16.05 18.36
C ILE A 166 0.36 15.99 16.90
N PHE A 167 -0.78 15.34 16.68
CA PHE A 167 -1.22 15.00 15.32
C PHE A 167 -2.00 16.13 14.62
N ALA A 168 -1.96 16.10 13.29
CA ALA A 168 -2.54 17.17 12.47
C ALA A 168 -2.86 16.69 11.06
N ASP A 169 -3.39 17.60 10.24
CA ASP A 169 -3.88 17.27 8.91
C ASP A 169 -3.11 17.96 7.80
N GLY A 170 -3.10 17.35 6.63
CA GLY A 170 -2.48 17.93 5.44
C GLY A 170 -2.14 16.86 4.43
N ALA A 171 -1.75 17.32 3.24
CA ALA A 171 -1.31 16.44 2.18
C ALA A 171 -0.24 17.13 1.35
N ALA A 172 0.68 16.34 0.82
CA ALA A 172 1.69 16.82 -0.11
C ALA A 172 2.07 15.74 -1.10
N ALA A 173 2.24 16.13 -2.36
CA ALA A 173 2.48 15.20 -3.44
C ALA A 173 3.80 15.54 -4.13
N VAL A 174 4.46 14.51 -4.64
CA VAL A 174 5.63 14.69 -5.48
C VAL A 174 5.38 14.08 -6.87
N VAL A 175 5.97 14.68 -7.89
CA VAL A 175 6.03 14.06 -9.21
C VAL A 175 7.39 13.37 -9.34
N VAL A 176 7.36 12.10 -9.68
CA VAL A 176 8.57 11.32 -9.96
C VAL A 176 8.65 11.01 -11.46
N GLY A 177 9.77 11.35 -12.07
CA GLY A 177 9.98 11.14 -13.51
C GLY A 177 11.45 11.07 -13.89
N GLU A 178 11.71 10.79 -15.17
CA GLU A 178 13.08 10.76 -15.69
C GLU A 178 13.75 12.12 -15.55
N THR A 179 15.02 12.10 -15.15
CA THR A 179 15.84 13.30 -14.99
C THR A 179 17.20 13.10 -15.70
N PRO A 180 17.91 14.21 -16.03
CA PRO A 180 19.23 14.13 -16.67
C PRO A 180 20.25 13.34 -15.85
N PHE A 181 20.19 13.48 -14.53
CA PHE A 181 21.08 12.77 -13.62
C PHE A 181 20.29 12.03 -12.55
N GLN A 182 20.89 10.98 -11.98
CA GLN A 182 20.26 10.21 -10.92
C GLN A 182 19.85 11.10 -9.76
N GLY A 183 18.56 11.05 -9.42
CA GLY A 183 17.99 11.94 -8.42
C GLY A 183 17.41 11.27 -7.19
N ILE A 184 17.33 9.94 -7.20
CA ILE A 184 16.78 9.18 -6.07
C ILE A 184 17.63 7.93 -5.79
N GLY A 185 18.15 7.85 -4.58
CA GLY A 185 18.99 6.72 -4.18
C GLY A 185 18.21 5.46 -3.83
N PRO A 186 18.93 4.36 -3.54
CA PRO A 186 18.29 3.12 -3.11
C PRO A 186 17.54 3.31 -1.79
N THR A 187 16.38 2.68 -1.67
CA THR A 187 15.59 2.73 -0.45
C THR A 187 16.23 1.88 0.63
N VAL A 188 16.39 2.45 1.82
CA VAL A 188 16.80 1.69 2.98
C VAL A 188 15.62 1.62 3.93
N ALA A 189 15.15 0.40 4.17
CA ALA A 189 13.91 0.20 4.90
C ALA A 189 13.96 -1.01 5.82
N GLY A 190 13.04 -1.04 6.79
CA GLY A 190 12.98 -2.09 7.79
C GLY A 190 11.85 -1.88 8.77
N SER A 191 11.80 -2.71 9.79
CA SER A 191 10.70 -2.70 10.76
C SER A 191 11.17 -3.08 12.15
N ASP A 192 10.29 -2.84 13.13
CA ASP A 192 10.30 -3.62 14.36
C ASP A 192 8.85 -3.98 14.69
N GLY A 193 8.43 -5.14 14.19
CA GLY A 193 7.07 -5.63 14.40
C GLY A 193 6.72 -6.01 15.83
N GLU A 194 7.75 -6.20 16.66
CA GLU A 194 7.56 -6.53 18.07
CA GLU A 194 7.57 -6.53 18.08
C GLU A 194 7.06 -5.33 18.87
N GLN A 195 7.34 -4.12 18.38
CA GLN A 195 6.84 -2.90 19.02
C GLN A 195 5.66 -2.29 18.24
N ALA A 196 4.83 -3.15 17.65
CA ALA A 196 3.66 -2.70 16.88
C ALA A 196 2.63 -1.90 17.69
N ASP A 197 2.52 -2.21 18.98
CA ASP A 197 1.58 -1.53 19.88
C ASP A 197 2.01 -0.11 20.30
N ALA A 198 3.25 0.28 19.96
CA ALA A 198 3.80 1.58 20.36
C ALA A 198 3.03 2.76 19.76
N ILE A 199 2.57 2.59 18.52
CA ILE A 199 1.68 3.56 17.88
C ILE A 199 0.56 2.76 17.21
N ARG A 200 -0.69 3.03 17.62
CA ARG A 200 -1.81 2.15 17.26
C ARG A 200 -3.19 2.80 17.32
N GLN A 201 -4.11 2.24 16.53
CA GLN A 201 -5.53 2.33 16.81
C GLN A 201 -5.79 1.29 17.90
N ASP A 202 -6.39 1.71 19.02
CA ASP A 202 -6.48 0.85 20.20
C ASP A 202 -7.57 -0.24 20.12
N ILE A 203 -8.63 0.05 19.37
CA ILE A 203 -9.73 -0.90 19.19
C ILE A 203 -9.98 -1.05 17.70
N ASP A 204 -9.90 -2.28 17.19
CA ASP A 204 -10.13 -2.51 15.76
C ASP A 204 -11.58 -2.20 15.38
N TRP A 205 -11.79 -1.80 14.13
CA TRP A 205 -13.10 -1.35 13.65
C TRP A 205 -14.23 -2.38 13.79
N ILE A 206 -13.91 -3.66 13.63
CA ILE A 206 -14.91 -4.73 13.71
C ILE A 206 -15.34 -5.03 15.15
N THR A 207 -14.39 -5.09 16.08
CA THR A 207 -14.73 -5.21 17.51
C THR A 207 -15.59 -4.02 17.92
N PHE A 208 -15.20 -2.83 17.46
CA PHE A 208 -15.96 -1.61 17.70
C PHE A 208 -17.37 -1.70 17.11
N ALA A 209 -17.47 -2.21 15.88
CA ALA A 209 -18.75 -2.35 15.17
C ALA A 209 -19.78 -3.25 15.86
N GLN A 210 -19.28 -4.20 16.66
CA GLN A 210 -20.15 -5.09 17.44
C GLN A 210 -20.72 -4.39 18.68
N ASN A 211 -20.07 -3.30 19.10
CA ASN A 211 -20.55 -2.50 20.24
C ASN A 211 -20.21 -1.01 20.10
N PRO A 212 -20.88 -0.32 19.14
CA PRO A 212 -20.51 1.07 18.81
C PRO A 212 -20.83 2.09 19.90
N SER A 213 -21.71 1.71 20.83
CA SER A 213 -22.12 2.61 21.92
C SER A 213 -21.16 2.59 23.10
N GLY A 214 -20.25 1.61 23.12
CA GLY A 214 -19.18 1.57 24.11
C GLY A 214 -18.06 2.50 23.70
N PRO A 215 -16.86 2.31 24.28
CA PRO A 215 -15.71 3.13 23.87
C PRO A 215 -15.42 3.03 22.38
N ARG A 216 -15.06 4.15 21.76
CA ARG A 216 -14.67 4.16 20.34
C ARG A 216 -13.15 4.16 20.19
N PRO A 217 -12.65 3.83 18.99
CA PRO A 217 -11.19 3.83 18.77
C PRO A 217 -10.61 5.24 18.65
N PHE A 218 -9.40 5.38 19.17
CA PHE A 218 -8.61 6.60 19.04
C PHE A 218 -7.16 6.19 18.81
N VAL A 219 -6.35 7.13 18.32
CA VAL A 219 -4.91 6.88 18.20
C VAL A 219 -4.28 6.91 19.60
N ARG A 220 -3.46 5.90 19.87
CA ARG A 220 -2.72 5.84 21.11
C ARG A 220 -1.23 5.77 20.79
N LEU A 221 -0.44 6.39 21.65
CA LEU A 221 1.00 6.52 21.43
C LEU A 221 1.75 6.23 22.74
N GLU A 222 2.69 5.31 22.68
CA GLU A 222 3.60 5.08 23.81
C GLU A 222 4.86 5.89 23.56
N GLY A 223 4.78 7.17 23.96
CA GLY A 223 5.81 8.18 23.69
C GLY A 223 7.25 7.79 23.96
N PRO A 224 7.59 7.51 25.24
CA PRO A 224 8.97 7.18 25.59
C PRO A 224 9.57 6.06 24.72
N ALA A 225 8.81 5.00 24.47
CA ALA A 225 9.24 3.88 23.62
C ALA A 225 9.58 4.33 22.19
N VAL A 226 8.73 5.19 21.63
CA VAL A 226 8.96 5.73 20.30
C VAL A 226 10.16 6.70 20.27
N PHE A 227 10.27 7.54 21.30
CA PHE A 227 11.40 8.45 21.44
C PHE A 227 12.72 7.67 21.46
N ARG A 228 12.80 6.68 22.34
CA ARG A 228 13.98 5.84 22.46
C ARG A 228 14.33 5.12 21.16
N TRP A 229 13.35 4.48 20.54
CA TRP A 229 13.54 3.81 19.27
C TRP A 229 14.02 4.76 18.16
N ALA A 230 13.27 5.84 17.91
CA ALA A 230 13.61 6.78 16.85
C ALA A 230 14.99 7.41 17.06
N ALA A 231 15.25 7.89 18.27
CA ALA A 231 16.47 8.63 18.59
C ALA A 231 17.73 7.77 18.53
N PHE A 232 17.59 6.49 18.89
CA PHE A 232 18.75 5.59 18.95
C PHE A 232 18.94 4.68 17.72
N LYS A 233 17.91 4.52 16.90
CA LYS A 233 18.01 3.62 15.74
C LYS A 233 18.13 4.32 14.37
N MET A 234 17.50 5.48 14.21
CA MET A 234 17.40 6.12 12.88
C MET A 234 18.70 6.69 12.34
N GLY A 235 19.66 6.93 13.24
CA GLY A 235 21.00 7.35 12.83
C GLY A 235 21.69 6.32 11.94
N ASP A 236 21.65 5.06 12.35
CA ASP A 236 22.21 3.97 11.56
C ASP A 236 21.48 3.80 10.22
N VAL A 237 20.18 4.06 10.23
CA VAL A 237 19.34 4.02 9.03
C VAL A 237 19.78 5.10 8.04
N GLY A 238 19.93 6.33 8.54
CA GLY A 238 20.42 7.44 7.73
C GLY A 238 21.76 7.16 7.07
N ARG A 239 22.69 6.57 7.83
CA ARG A 239 24.01 6.20 7.33
C ARG A 239 23.92 5.13 6.23
N ARG A 240 23.04 4.14 6.42
CA ARG A 240 22.77 3.13 5.40
C ARG A 240 22.28 3.76 4.08
N ALA A 241 21.32 4.67 4.19
CA ALA A 241 20.76 5.35 3.02
C ALA A 241 21.82 6.17 2.27
N MET A 242 22.72 6.81 3.01
CA MET A 242 23.79 7.60 2.43
C MET A 242 24.85 6.71 1.78
N ASP A 243 25.17 5.60 2.46
CA ASP A 243 26.10 4.60 1.96
C ASP A 243 25.59 3.97 0.66
N ALA A 244 24.30 3.62 0.63
CA ALA A 244 23.66 3.07 -0.56
C ALA A 244 23.71 4.06 -1.72
N ALA A 245 23.51 5.35 -1.42
CA ALA A 245 23.55 6.40 -2.43
C ALA A 245 24.96 6.77 -2.86
N GLY A 246 25.95 6.34 -2.07
CA GLY A 246 27.35 6.64 -2.34
C GLY A 246 27.74 8.06 -1.99
N VAL A 247 27.06 8.63 -1.00
CA VAL A 247 27.36 9.98 -0.53
C VAL A 247 27.85 9.98 0.91
N ARG A 248 28.60 11.01 1.28
CA ARG A 248 29.08 11.17 2.66
C ARG A 248 28.12 12.07 3.44
N PRO A 249 28.05 11.89 4.78
CA PRO A 249 27.21 12.76 5.62
C PRO A 249 27.45 14.27 5.38
N ASP A 250 28.71 14.65 5.14
CA ASP A 250 29.07 16.06 4.93
C ASP A 250 28.69 16.59 3.54
N GLN A 251 28.18 15.71 2.69
CA GLN A 251 27.69 16.13 1.36
C GLN A 251 26.20 16.44 1.36
N ILE A 252 25.53 16.12 2.48
CA ILE A 252 24.11 16.37 2.64
C ILE A 252 23.85 17.85 2.91
N ASP A 253 23.04 18.46 2.03
CA ASP A 253 22.68 19.87 2.16
C ASP A 253 21.44 20.06 3.01
N VAL A 254 20.52 19.12 2.90
CA VAL A 254 19.20 19.20 3.52
C VAL A 254 18.84 17.89 4.22
N PHE A 255 18.38 18.00 5.46
CA PHE A 255 17.89 16.85 6.22
C PHE A 255 16.39 16.98 6.45
N VAL A 256 15.63 16.03 5.92
CA VAL A 256 14.18 15.98 6.11
C VAL A 256 13.76 14.71 6.86
N PRO A 257 13.89 14.70 8.20
CA PRO A 257 13.36 13.57 8.95
C PRO A 257 11.84 13.71 9.06
N HIS A 258 11.15 12.60 9.34
CA HIS A 258 9.73 12.69 9.62
C HIS A 258 9.51 13.66 10.78
N GLN A 259 8.48 14.51 10.66
CA GLN A 259 8.23 15.54 11.66
C GLN A 259 7.41 14.99 12.83
N PHE A 260 8.02 14.06 13.57
CA PHE A 260 7.37 13.43 14.71
C PHE A 260 7.49 14.30 15.95
N ASN A 261 8.72 14.72 16.24
CA ASN A 261 9.06 15.51 17.42
C ASN A 261 10.39 16.21 17.17
N SER A 262 10.45 17.52 17.48
CA SER A 262 11.66 18.31 17.25
C SER A 262 12.88 17.81 18.02
N ARG A 263 12.67 17.39 19.27
CA ARG A 263 13.74 16.90 20.13
C ARG A 263 14.40 15.65 19.56
N ILE A 264 13.58 14.71 19.07
CA ILE A 264 14.06 13.51 18.41
C ILE A 264 14.96 13.88 17.23
N ASN A 265 14.43 14.74 16.37
CA ASN A 265 15.14 15.14 15.15
C ASN A 265 16.42 15.92 15.40
N GLU A 266 16.44 16.74 16.45
CA GLU A 266 17.65 17.43 16.91
C GLU A 266 18.75 16.43 17.30
N LEU A 267 18.35 15.32 17.90
CA LEU A 267 19.27 14.26 18.29
C LEU A 267 19.78 13.47 17.08
N LEU A 268 18.91 13.32 16.09
CA LEU A 268 19.27 12.65 14.83
C LEU A 268 20.27 13.48 14.03
N VAL A 269 20.05 14.80 13.99
CA VAL A 269 20.98 15.73 13.32
C VAL A 269 22.38 15.56 13.89
N LYS A 270 22.44 15.48 15.22
CA LYS A 270 23.71 15.35 15.92
C LYS A 270 24.38 14.01 15.60
N ASN A 271 23.62 12.93 15.75
CA ASN A 271 24.13 11.58 15.49
C ASN A 271 24.64 11.37 14.06
N LEU A 272 23.98 12.02 13.10
CA LEU A 272 24.30 11.85 11.68
C LEU A 272 25.52 12.65 11.21
N GLN A 273 26.05 13.49 12.10
CA GLN A 273 27.29 14.25 11.87
C GLN A 273 27.30 15.06 10.56
N LEU A 274 26.21 15.78 10.33
CA LEU A 274 26.08 16.62 9.14
C LEU A 274 26.87 17.92 9.31
N ARG A 275 27.05 18.67 8.21
CA ARG A 275 27.73 19.96 8.25
C ARG A 275 27.01 20.92 9.20
N PRO A 276 27.78 21.81 9.86
CA PRO A 276 27.19 22.86 10.71
C PRO A 276 26.10 23.68 10.02
N ASP A 277 26.22 23.87 8.71
CA ASP A 277 25.29 24.72 7.95
C ASP A 277 24.19 23.93 7.21
N ALA A 278 24.10 22.62 7.47
CA ALA A 278 23.06 21.80 6.85
C ALA A 278 21.68 22.30 7.26
N VAL A 279 20.77 22.35 6.28
CA VAL A 279 19.41 22.79 6.54
C VAL A 279 18.59 21.62 7.08
N VAL A 280 17.90 21.82 8.21
CA VAL A 280 17.08 20.78 8.82
C VAL A 280 15.61 21.17 8.79
N ALA A 281 14.78 20.31 8.18
CA ALA A 281 13.34 20.51 8.14
C ALA A 281 12.76 20.73 9.53
N ASN A 282 11.94 21.76 9.67
CA ASN A 282 11.32 22.13 10.95
C ASN A 282 9.85 22.51 10.76
N ASP A 283 9.23 21.95 9.72
CA ASP A 283 7.83 22.21 9.37
C ASP A 283 6.85 21.88 10.50
N ILE A 284 7.27 20.98 11.40
CA ILE A 284 6.47 20.61 12.58
C ILE A 284 5.97 21.81 13.38
N GLU A 285 6.70 22.93 13.28
CA GLU A 285 6.40 24.13 14.08
C GLU A 285 4.98 24.64 13.87
N HIS A 286 4.53 24.71 12.63
CA HIS A 286 3.19 25.17 12.31
C HIS A 286 2.37 24.15 11.52
N THR A 287 2.81 22.89 11.56
CA THR A 287 2.15 21.81 10.82
C THR A 287 1.86 20.63 11.74
N GLY A 288 2.60 20.51 12.83
CA GLY A 288 2.51 19.35 13.71
C GLY A 288 2.94 18.07 13.01
N ASN A 289 2.59 16.93 13.60
CA ASN A 289 2.89 15.62 13.04
C ASN A 289 1.74 15.19 12.13
N THR A 290 2.02 15.10 10.83
CA THR A 290 1.02 14.69 9.84
C THR A 290 1.34 13.33 9.21
N SER A 291 2.06 12.49 9.96
N SER A 291 2.02 12.47 9.98
CA SER A 291 2.37 11.12 9.56
CA SER A 291 2.31 11.08 9.57
C SER A 291 2.85 10.97 8.10
C SER A 291 2.85 10.95 8.14
N ALA A 292 2.11 10.25 7.27
CA ALA A 292 2.55 9.99 5.88
C ALA A 292 2.82 11.23 5.03
N ALA A 293 2.12 12.33 5.33
CA ALA A 293 2.25 13.58 4.59
C ALA A 293 3.43 14.44 5.05
N SER A 294 4.04 14.07 6.17
CA SER A 294 5.03 14.92 6.85
C SER A 294 6.26 15.28 6.02
N ILE A 295 6.95 14.28 5.47
CA ILE A 295 8.15 14.52 4.69
C ILE A 295 7.91 15.43 3.45
N PRO A 296 6.92 15.08 2.58
CA PRO A 296 6.73 15.97 1.44
C PRO A 296 6.20 17.36 1.84
N LEU A 297 5.44 17.44 2.94
CA LEU A 297 5.03 18.75 3.46
C LEU A 297 6.24 19.53 3.97
N ALA A 298 7.17 18.84 4.63
CA ALA A 298 8.38 19.45 5.14
C ALA A 298 9.28 19.91 4.00
N MET A 299 9.34 19.10 2.94
CA MET A 299 10.09 19.45 1.74
C MET A 299 9.53 20.71 1.09
N ALA A 300 8.21 20.80 0.98
CA ALA A 300 7.55 21.98 0.40
C ALA A 300 7.83 23.25 1.19
N GLU A 301 7.77 23.15 2.52
CA GLU A 301 8.01 24.30 3.40
C GLU A 301 9.42 24.87 3.22
N LEU A 302 10.39 23.97 3.11
CA LEU A 302 11.79 24.38 2.92
C LEU A 302 12.01 25.08 1.59
N LEU A 303 11.29 24.63 0.55
CA LEU A 303 11.40 25.22 -0.78
C LEU A 303 10.62 26.52 -0.89
N THR A 304 9.44 26.55 -0.29
CA THR A 304 8.56 27.72 -0.22
C THR A 304 9.24 28.93 0.42
N THR A 305 9.98 28.70 1.50
CA THR A 305 10.67 29.76 2.24
C THR A 305 12.05 30.06 1.69
N GLY A 306 12.54 29.21 0.79
CA GLY A 306 13.87 29.37 0.21
C GLY A 306 15.00 28.93 1.14
N ALA A 307 14.65 28.13 2.15
CA ALA A 307 15.64 27.53 3.05
C ALA A 307 16.43 26.44 2.32
N ALA A 308 15.74 25.72 1.44
CA ALA A 308 16.37 24.76 0.53
C ALA A 308 16.16 25.20 -0.91
N LYS A 309 16.98 24.67 -1.81
CA LYS A 309 16.89 24.97 -3.23
C LYS A 309 16.65 23.67 -4.00
N PRO A 310 15.92 23.74 -5.13
CA PRO A 310 15.79 22.56 -5.99
C PRO A 310 17.18 22.09 -6.42
N GLY A 311 17.37 20.77 -6.41
CA GLY A 311 18.68 20.20 -6.72
C GLY A 311 19.56 19.95 -5.49
N ASP A 312 19.18 20.52 -4.35
CA ASP A 312 19.92 20.31 -3.10
C ASP A 312 19.92 18.83 -2.72
N LEU A 313 21.05 18.34 -2.23
CA LEU A 313 21.15 16.95 -1.82
C LEU A 313 20.46 16.77 -0.47
N ALA A 314 19.45 15.91 -0.44
CA ALA A 314 18.63 15.72 0.75
C ALA A 314 18.65 14.29 1.26
N LEU A 315 18.61 14.16 2.58
CA LEU A 315 18.42 12.87 3.24
C LEU A 315 17.04 12.85 3.88
N LEU A 316 16.21 11.92 3.44
CA LEU A 316 14.87 11.73 3.99
C LEU A 316 14.86 10.49 4.86
N ILE A 317 14.32 10.60 6.07
CA ILE A 317 14.13 9.44 6.94
C ILE A 317 12.74 9.44 7.52
N GLY A 318 11.95 8.44 7.13
CA GLY A 318 10.60 8.27 7.66
C GLY A 318 10.64 7.20 8.73
N TYR A 319 10.03 7.51 9.87
CA TYR A 319 9.94 6.58 10.99
C TYR A 319 8.59 6.75 11.67
N GLY A 320 8.07 5.67 12.25
CA GLY A 320 6.77 5.70 12.92
C GLY A 320 6.07 4.35 13.02
N ALA A 321 4.75 4.37 12.85
CA ALA A 321 3.87 3.24 13.18
C ALA A 321 4.20 1.90 12.52
N GLY A 322 3.79 0.82 13.21
CA GLY A 322 4.10 -0.56 12.86
C GLY A 322 5.41 -0.88 13.53
N LEU A 323 6.02 0.20 13.99
CA LEU A 323 7.45 0.48 13.88
C LEU A 323 7.95 0.05 12.49
N SER A 324 7.92 1.05 11.61
CA SER A 324 8.40 0.97 10.23
C SER A 324 9.29 2.16 9.96
N TYR A 325 10.35 1.94 9.19
CA TYR A 325 11.17 3.03 8.69
C TYR A 325 11.49 2.86 7.21
N ALA A 326 11.69 3.98 6.53
CA ALA A 326 12.11 4.01 5.14
C ALA A 326 12.88 5.30 4.94
N ALA A 327 14.07 5.19 4.34
CA ALA A 327 14.93 6.34 4.12
C ALA A 327 15.54 6.28 2.73
N GLN A 328 15.88 7.45 2.20
CA GLN A 328 16.60 7.55 0.93
C GLN A 328 17.23 8.93 0.75
N VAL A 329 18.29 8.96 -0.04
CA VAL A 329 18.91 10.21 -0.48
C VAL A 329 18.27 10.65 -1.80
N VAL A 330 17.85 11.91 -1.86
CA VAL A 330 17.23 12.48 -3.05
C VAL A 330 17.82 13.86 -3.35
N ARG A 331 17.53 14.38 -4.54
CA ARG A 331 17.76 15.78 -4.82
C ARG A 331 16.43 16.50 -4.65
N MET A 332 16.47 17.70 -4.08
CA MET A 332 15.26 18.45 -3.80
C MET A 332 14.51 18.78 -5.10
N PRO A 333 13.19 18.65 -5.08
CA PRO A 333 12.38 18.98 -6.27
C PRO A 333 12.19 20.49 -6.43
N LYS A 334 11.47 20.90 -7.47
CA LYS A 334 10.94 22.28 -7.56
C LYS A 334 9.76 22.41 -6.60
N MET B 1 29.47 18.05 -9.40
CA MET B 1 28.48 17.83 -8.30
C MET B 1 28.56 16.40 -7.74
N THR B 2 27.67 16.09 -6.80
CA THR B 2 27.67 14.82 -6.09
C THR B 2 26.82 13.79 -6.83
N GLU B 3 27.39 12.61 -7.04
CA GLU B 3 26.66 11.52 -7.69
C GLU B 3 25.77 10.80 -6.70
N ILE B 4 24.55 10.48 -7.13
CA ILE B 4 23.71 9.51 -6.44
C ILE B 4 23.85 8.18 -7.17
N ALA B 5 24.28 7.15 -6.45
CA ALA B 5 24.58 5.84 -7.04
C ALA B 5 23.43 5.30 -7.89
N THR B 6 23.79 4.79 -9.07
CA THR B 6 22.87 4.06 -9.93
C THR B 6 23.14 2.58 -9.71
N THR B 7 22.12 1.86 -9.26
CA THR B 7 22.27 0.44 -8.90
C THR B 7 21.28 -0.46 -9.64
N SER B 8 21.52 -1.77 -9.60
N SER B 8 21.52 -1.77 -9.58
CA SER B 8 20.61 -2.76 -10.18
CA SER B 8 20.62 -2.76 -10.17
C SER B 8 20.61 -4.06 -9.39
C SER B 8 20.61 -4.06 -9.39
N GLY B 9 19.57 -4.86 -9.59
CA GLY B 9 19.46 -6.18 -8.98
C GLY B 9 19.41 -7.24 -10.06
N ALA B 10 18.87 -8.41 -9.73
CA ALA B 10 18.73 -9.49 -10.71
C ALA B 10 17.57 -9.19 -11.66
N ARG B 11 17.84 -9.27 -12.96
CA ARG B 11 16.83 -9.03 -14.00
C ARG B 11 15.73 -10.10 -14.03
N SER B 12 16.14 -11.36 -13.95
CA SER B 12 15.23 -12.48 -14.00
C SER B 12 14.71 -12.79 -12.61
N VAL B 13 13.40 -12.57 -12.44
CA VAL B 13 12.71 -12.83 -11.18
C VAL B 13 11.49 -13.70 -11.48
N GLY B 14 11.13 -14.54 -10.52
CA GLY B 14 9.99 -15.45 -10.69
C GLY B 14 9.37 -15.85 -9.37
N LEU B 15 8.31 -16.65 -9.47
CA LEU B 15 7.62 -17.17 -8.29
C LEU B 15 8.26 -18.50 -7.91
N LEU B 16 8.90 -18.53 -6.74
CA LEU B 16 9.57 -19.73 -6.25
C LEU B 16 8.59 -20.72 -5.60
N SER B 17 7.49 -20.20 -5.06
CA SER B 17 6.48 -21.03 -4.40
C SER B 17 5.16 -20.30 -4.18
N VAL B 18 4.13 -21.06 -3.84
CA VAL B 18 2.89 -20.50 -3.32
C VAL B 18 2.49 -21.35 -2.11
N GLY B 19 1.91 -20.70 -1.11
CA GLY B 19 1.42 -21.36 0.09
C GLY B 19 0.06 -20.80 0.46
N ALA B 20 -0.86 -21.67 0.86
CA ALA B 20 -2.24 -21.25 1.11
C ALA B 20 -2.74 -21.61 2.50
N TYR B 21 -3.46 -20.67 3.12
CA TYR B 21 -4.23 -20.94 4.31
C TYR B 21 -5.71 -20.66 4.07
N ARG B 22 -6.54 -21.68 4.35
CA ARG B 22 -7.98 -21.51 4.38
C ARG B 22 -8.49 -21.97 5.73
N PRO B 23 -9.42 -21.21 6.34
CA PRO B 23 -9.95 -21.55 7.67
C PRO B 23 -10.79 -22.84 7.66
N GLU B 24 -10.99 -23.41 8.84
CA GLU B 24 -11.60 -24.73 8.98
C GLU B 24 -13.10 -24.78 8.64
N ARG B 25 -13.82 -23.70 8.94
CA ARG B 25 -15.27 -23.69 8.91
C ARG B 25 -15.84 -23.56 7.50
N VAL B 26 -16.39 -24.67 7.02
CA VAL B 26 -17.03 -24.69 5.71
C VAL B 26 -18.50 -24.28 5.89
N VAL B 27 -18.90 -23.24 5.17
CA VAL B 27 -20.27 -22.74 5.18
C VAL B 27 -20.92 -23.01 3.81
N THR B 28 -21.88 -23.93 3.81
CA THR B 28 -22.54 -24.37 2.58
C THR B 28 -23.57 -23.34 2.12
N ASN B 29 -23.95 -23.42 0.84
CA ASN B 29 -25.04 -22.60 0.29
C ASN B 29 -26.34 -22.81 1.07
N ASP B 30 -26.62 -24.06 1.42
CA ASP B 30 -27.79 -24.42 2.22
C ASP B 30 -27.81 -23.73 3.58
N GLU B 31 -26.68 -23.75 4.29
CA GLU B 31 -26.59 -23.11 5.61
C GLU B 31 -26.75 -21.59 5.52
N ILE B 32 -25.94 -20.95 4.66
CA ILE B 32 -25.92 -19.49 4.53
C ILE B 32 -27.28 -18.89 4.12
N CYS B 33 -28.11 -19.69 3.46
CA CYS B 33 -29.47 -19.30 3.11
C CYS B 33 -30.48 -20.31 3.64
N SER B 39 -31.97 -22.66 -3.40
CA SER B 39 -31.01 -21.96 -2.55
C SER B 39 -29.57 -22.27 -2.97
N ASP B 40 -29.20 -23.55 -2.93
CA ASP B 40 -27.91 -24.01 -3.42
C ASP B 40 -27.82 -23.73 -4.91
N GLU B 41 -28.83 -24.20 -5.64
CA GLU B 41 -28.93 -23.97 -7.09
C GLU B 41 -28.98 -22.48 -7.42
N TRP B 42 -29.73 -21.72 -6.62
CA TRP B 42 -29.89 -20.27 -6.80
C TRP B 42 -28.55 -19.54 -6.76
N ILE B 43 -27.79 -19.77 -5.69
CA ILE B 43 -26.46 -19.20 -5.54
C ILE B 43 -25.50 -19.74 -6.61
N TYR B 44 -25.50 -21.06 -6.80
CA TYR B 44 -24.60 -21.70 -7.76
C TYR B 44 -24.80 -21.17 -9.20
N THR B 45 -26.04 -21.16 -9.67
CA THR B 45 -26.38 -20.63 -11.00
C THR B 45 -25.80 -19.22 -11.22
N ARG B 46 -25.92 -18.39 -10.19
CA ARG B 46 -25.53 -16.98 -10.26
C ARG B 46 -24.04 -16.68 -10.04
N THR B 47 -23.33 -17.55 -9.32
CA THR B 47 -21.96 -17.23 -8.89
C THR B 47 -20.91 -18.32 -9.13
N GLY B 48 -21.37 -19.57 -9.25
CA GLY B 48 -20.47 -20.72 -9.30
C GLY B 48 -19.96 -21.18 -7.93
N ILE B 49 -20.45 -20.55 -6.87
CA ILE B 49 -20.08 -20.89 -5.50
C ILE B 49 -20.96 -22.00 -4.95
N LYS B 50 -20.34 -23.03 -4.38
CA LYS B 50 -21.04 -24.11 -3.68
C LYS B 50 -20.90 -23.96 -2.17
N THR B 51 -19.67 -23.76 -1.72
CA THR B 51 -19.36 -23.55 -0.29
C THR B 51 -18.30 -22.46 -0.18
N ARG B 52 -18.10 -21.95 1.03
CA ARG B 52 -16.99 -21.03 1.32
C ARG B 52 -16.48 -21.25 2.75
N ARG B 53 -15.29 -20.72 3.05
CA ARG B 53 -14.67 -20.86 4.37
C ARG B 53 -14.69 -19.56 5.14
N PHE B 54 -15.12 -19.64 6.40
CA PHE B 54 -15.13 -18.50 7.31
C PHE B 54 -14.10 -18.70 8.40
N ALA B 55 -13.36 -17.63 8.70
CA ALA B 55 -12.35 -17.65 9.76
C ALA B 55 -13.01 -17.60 11.13
N ALA B 56 -12.32 -18.16 12.13
CA ALA B 56 -12.77 -18.10 13.51
C ALA B 56 -12.62 -16.68 14.06
N ASP B 57 -13.35 -16.39 15.15
CA ASP B 57 -13.38 -15.06 15.74
C ASP B 57 -12.02 -14.52 16.12
N ASP B 58 -11.15 -15.40 16.60
CA ASP B 58 -9.79 -15.01 17.04
C ASP B 58 -8.79 -14.94 15.89
N GLU B 59 -9.25 -15.18 14.67
CA GLU B 59 -8.39 -15.03 13.49
C GLU B 59 -8.56 -13.65 12.90
N SER B 60 -7.54 -13.21 12.15
CA SER B 60 -7.53 -11.92 11.49
C SER B 60 -6.88 -12.07 10.14
N ALA B 61 -6.90 -10.99 9.35
CA ALA B 61 -6.17 -10.95 8.09
C ALA B 61 -4.67 -11.18 8.32
N ALA B 62 -4.12 -10.55 9.36
CA ALA B 62 -2.69 -10.69 9.69
C ALA B 62 -2.31 -12.12 10.08
N SER B 63 -3.13 -12.77 10.91
CA SER B 63 -2.82 -14.13 11.39
C SER B 63 -2.84 -15.16 10.26
N MET B 64 -3.81 -15.03 9.36
CA MET B 64 -3.90 -15.90 8.19
C MET B 64 -2.76 -15.65 7.20
N ALA B 65 -2.39 -14.37 7.05
CA ALA B 65 -1.23 -14.00 6.20
C ALA B 65 0.08 -14.61 6.70
N THR B 66 0.28 -14.63 8.02
CA THR B 66 1.43 -15.29 8.63
C THR B 66 1.49 -16.78 8.26
N GLU B 67 0.37 -17.47 8.42
CA GLU B 67 0.31 -18.90 8.16
C GLU B 67 0.48 -19.24 6.68
N ALA B 68 -0.03 -18.37 5.80
CA ALA B 68 0.17 -18.51 4.36
C ALA B 68 1.64 -18.30 4.00
N CYS B 69 2.28 -17.35 4.69
CA CYS B 69 3.71 -17.07 4.50
C CYS B 69 4.61 -18.22 4.94
N ARG B 70 4.29 -18.83 6.09
CA ARG B 70 4.99 -20.02 6.58
C ARG B 70 5.00 -21.16 5.56
N ARG B 71 3.82 -21.46 5.01
CA ARG B 71 3.66 -22.51 4.03
C ARG B 71 4.40 -22.19 2.73
N ALA B 72 4.37 -20.93 2.32
CA ALA B 72 5.08 -20.46 1.14
C ALA B 72 6.59 -20.65 1.28
N LEU B 73 7.14 -20.27 2.44
CA LEU B 73 8.55 -20.44 2.73
C LEU B 73 8.96 -21.92 2.73
N SER B 74 8.12 -22.75 3.35
CA SER B 74 8.35 -24.19 3.41
C SER B 74 8.38 -24.83 2.02
N ASN B 75 7.46 -24.41 1.16
CA ASN B 75 7.37 -24.90 -0.21
C ASN B 75 8.51 -24.44 -1.13
N ALA B 76 9.14 -23.32 -0.77
CA ALA B 76 10.31 -22.82 -1.50
C ALA B 76 11.63 -23.36 -0.95
N GLY B 77 11.55 -24.10 0.16
CA GLY B 77 12.74 -24.61 0.84
C GLY B 77 13.55 -23.50 1.49
N LEU B 78 12.84 -22.43 1.88
CA LEU B 78 13.46 -21.28 2.53
C LEU B 78 12.88 -21.07 3.93
N SER B 79 13.62 -20.30 4.74
N SER B 79 13.61 -20.29 4.74
CA SER B 79 13.15 -19.86 6.05
CA SER B 79 13.12 -19.87 6.05
C SER B 79 12.90 -18.36 6.04
C SER B 79 13.03 -18.35 6.10
N ALA B 80 12.46 -17.83 7.18
CA ALA B 80 12.23 -16.37 7.33
C ALA B 80 13.51 -15.53 7.17
N ALA B 81 14.66 -16.11 7.49
CA ALA B 81 15.95 -15.44 7.40
C ALA B 81 16.42 -15.20 5.96
N ASP B 82 15.79 -15.90 5.01
CA ASP B 82 16.13 -15.75 3.59
C ASP B 82 15.36 -14.61 2.93
N ILE B 83 14.34 -14.11 3.61
CA ILE B 83 13.44 -13.08 3.07
C ILE B 83 13.88 -11.66 3.45
N ASP B 84 13.88 -10.78 2.45
CA ASP B 84 14.32 -9.40 2.62
C ASP B 84 13.17 -8.45 2.93
N GLY B 85 11.94 -8.95 2.80
CA GLY B 85 10.77 -8.15 3.09
C GLY B 85 9.45 -8.79 2.68
N VAL B 86 8.36 -8.19 3.13
CA VAL B 86 7.03 -8.71 2.90
C VAL B 86 6.06 -7.60 2.48
N ILE B 87 5.28 -7.86 1.45
CA ILE B 87 4.16 -7.00 1.09
C ILE B 87 2.88 -7.77 1.39
N VAL B 88 2.06 -7.20 2.28
CA VAL B 88 0.75 -7.74 2.60
C VAL B 88 -0.29 -6.94 1.80
N THR B 89 -1.07 -7.64 0.98
CA THR B 89 -2.19 -6.99 0.31
C THR B 89 -3.53 -7.49 0.85
N THR B 90 -4.36 -6.53 1.24
CA THR B 90 -5.61 -6.83 1.94
C THR B 90 -6.56 -5.64 1.89
N ASN B 91 -7.82 -5.90 2.23
CA ASN B 91 -8.82 -4.85 2.37
C ASN B 91 -9.56 -5.01 3.70
N THR B 92 -9.09 -5.96 4.50
CA THR B 92 -9.77 -6.33 5.74
C THR B 92 -8.81 -6.42 6.93
N HIS B 93 -7.81 -5.54 6.94
CA HIS B 93 -7.03 -5.27 8.14
C HIS B 93 -7.75 -4.11 8.82
N PHE B 94 -8.39 -4.39 9.94
CA PHE B 94 -9.35 -3.46 10.52
C PHE B 94 -8.74 -2.47 11.52
N LEU B 95 -7.51 -2.03 11.21
CA LEU B 95 -6.84 -0.99 11.96
C LEU B 95 -6.25 -0.01 10.97
N GLN B 96 -6.44 1.29 11.24
CA GLN B 96 -5.78 2.33 10.44
C GLN B 96 -4.26 2.23 10.59
N THR B 97 -3.82 1.81 11.78
CA THR B 97 -2.42 1.55 12.10
C THR B 97 -2.36 0.76 13.41
N PRO B 98 -1.29 -0.04 13.63
CA PRO B 98 -0.15 -0.36 12.77
C PRO B 98 -0.56 -1.14 11.53
N PRO B 99 0.29 -1.15 10.48
CA PRO B 99 0.01 -1.95 9.29
C PRO B 99 0.24 -3.43 9.58
N ALA B 100 -0.31 -4.32 8.76
CA ALA B 100 -0.20 -5.76 9.00
C ALA B 100 1.22 -6.31 8.78
N ALA B 101 1.93 -5.81 7.77
CA ALA B 101 3.24 -6.36 7.35
C ALA B 101 4.30 -6.52 8.45
N PRO B 102 4.57 -5.46 9.24
CA PRO B 102 5.52 -5.61 10.36
C PRO B 102 5.09 -6.68 11.38
N MET B 103 3.78 -6.77 11.65
CA MET B 103 3.26 -7.78 12.58
C MET B 103 3.44 -9.19 12.02
N VAL B 104 3.17 -9.34 10.72
CA VAL B 104 3.40 -10.60 10.02
C VAL B 104 4.89 -10.97 10.05
N ALA B 105 5.77 -9.99 9.81
CA ALA B 105 7.21 -10.21 9.83
C ALA B 105 7.69 -10.70 11.19
N ALA B 106 7.22 -10.05 12.26
CA ALA B 106 7.53 -10.44 13.63
C ALA B 106 7.06 -11.86 13.95
N SER B 107 5.85 -12.21 13.52
CA SER B 107 5.29 -13.55 13.74
C SER B 107 6.10 -14.65 13.04
N LEU B 108 6.75 -14.29 11.94
CA LEU B 108 7.61 -15.23 11.20
C LEU B 108 9.02 -15.31 11.79
N GLY B 109 9.29 -14.54 12.84
CA GLY B 109 10.62 -14.48 13.43
C GLY B 109 11.60 -13.66 12.59
N ALA B 110 11.06 -12.66 11.89
CA ALA B 110 11.87 -11.74 11.07
C ALA B 110 11.36 -10.31 11.25
N LYS B 111 11.29 -9.88 12.51
CA LYS B 111 10.72 -8.58 12.90
C LYS B 111 11.36 -7.36 12.21
N GLY B 112 12.60 -7.52 11.76
CA GLY B 112 13.40 -6.40 11.24
C GLY B 112 13.25 -6.08 9.76
N ILE B 113 12.67 -7.00 9.00
CA ILE B 113 12.62 -6.85 7.54
C ILE B 113 11.66 -5.74 7.10
N LEU B 114 11.95 -5.15 5.95
CA LEU B 114 11.09 -4.12 5.36
C LEU B 114 9.74 -4.69 4.96
N GLY B 115 8.74 -3.82 4.88
CA GLY B 115 7.42 -4.23 4.46
C GLY B 115 6.37 -3.15 4.62
N PHE B 116 5.21 -3.38 4.01
CA PHE B 116 4.09 -2.44 4.04
C PHE B 116 2.81 -3.11 3.53
N ASP B 117 1.69 -2.44 3.77
CA ASP B 117 0.39 -2.90 3.31
C ASP B 117 -0.01 -2.21 2.01
N LEU B 118 -0.49 -2.98 1.05
CA LEU B 118 -0.93 -2.45 -0.22
C LEU B 118 -2.43 -2.71 -0.40
N SER B 119 -3.19 -1.65 -0.59
CA SER B 119 -4.63 -1.77 -0.81
C SER B 119 -5.06 -1.28 -2.19
N ALA B 120 -5.67 -2.19 -2.96
CA ALA B 120 -6.20 -1.89 -4.29
C ALA B 120 -7.36 -2.83 -4.63
N GLY B 121 -8.20 -3.09 -3.64
CA GLY B 121 -9.27 -4.08 -3.76
C GLY B 121 -8.72 -5.42 -4.20
N CYS B 122 -9.37 -6.03 -5.17
N CYS B 122 -9.37 -5.99 -5.21
CA CYS B 122 -9.05 -7.41 -5.56
CA CYS B 122 -9.17 -7.39 -5.65
C CYS B 122 -7.75 -7.42 -6.37
C CYS B 122 -8.00 -7.48 -6.68
N ALA B 123 -7.48 -6.32 -7.06
CA ALA B 123 -6.25 -6.21 -7.92
C ALA B 123 -4.98 -5.98 -7.10
N GLY B 124 -5.12 -6.00 -5.77
CA GLY B 124 -4.00 -5.84 -4.85
C GLY B 124 -2.84 -6.80 -5.07
N PHE B 125 -3.16 -8.07 -5.34
CA PHE B 125 -2.11 -9.07 -5.56
C PHE B 125 -1.26 -8.79 -6.79
N GLY B 126 -1.90 -8.40 -7.90
CA GLY B 126 -1.19 -8.02 -9.12
C GLY B 126 -0.26 -6.83 -8.92
N TYR B 127 -0.77 -5.79 -8.25
CA TYR B 127 0.05 -4.63 -7.89
C TYR B 127 1.21 -4.99 -6.96
N ALA B 128 0.91 -5.74 -5.91
CA ALA B 128 1.92 -6.19 -4.94
C ALA B 128 2.98 -7.07 -5.60
N LEU B 129 2.55 -8.00 -6.45
CA LEU B 129 3.43 -8.87 -7.20
C LEU B 129 4.38 -8.05 -8.04
N GLY B 130 3.82 -7.13 -8.82
CA GLY B 130 4.60 -6.25 -9.66
C GLY B 130 5.58 -5.38 -8.88
N ALA B 131 5.14 -4.87 -7.73
CA ALA B 131 5.98 -4.02 -6.90
C ALA B 131 7.17 -4.80 -6.34
N ALA B 132 6.93 -6.03 -5.88
CA ALA B 132 7.98 -6.90 -5.38
C ALA B 132 8.99 -7.23 -6.48
N ALA B 133 8.49 -7.53 -7.68
CA ALA B 133 9.33 -7.75 -8.85
C ALA B 133 10.16 -6.51 -9.18
N ASP B 134 9.54 -5.33 -9.15
CA ASP B 134 10.22 -4.06 -9.44
C ASP B 134 11.36 -3.82 -8.43
N MET B 135 11.07 -4.07 -7.16
CA MET B 135 12.01 -3.81 -6.06
C MET B 135 13.22 -4.75 -6.12
N ILE B 136 12.97 -6.01 -6.48
CA ILE B 136 14.02 -7.01 -6.63
C ILE B 136 14.92 -6.72 -7.84
N ARG B 137 14.31 -6.34 -8.96
CA ARG B 137 15.06 -5.97 -10.16
C ARG B 137 15.88 -4.68 -9.95
N GLY B 138 15.38 -3.79 -9.09
CA GLY B 138 16.06 -2.53 -8.77
C GLY B 138 17.20 -2.70 -7.77
N GLY B 139 17.25 -3.86 -7.12
CA GLY B 139 18.28 -4.16 -6.14
C GLY B 139 17.96 -3.74 -4.72
N GLY B 140 16.69 -3.39 -4.47
CA GLY B 140 16.23 -3.02 -3.13
C GLY B 140 15.99 -4.21 -2.22
N ALA B 141 15.84 -5.38 -2.83
CA ALA B 141 15.66 -6.65 -2.14
C ALA B 141 16.04 -7.78 -3.10
N ALA B 142 16.33 -8.96 -2.56
CA ALA B 142 16.68 -10.12 -3.39
C ALA B 142 15.59 -11.19 -3.40
N THR B 143 14.96 -11.40 -2.24
CA THR B 143 13.88 -12.38 -2.10
C THR B 143 12.75 -11.77 -1.27
N MET B 144 11.52 -11.90 -1.75
CA MET B 144 10.36 -11.29 -1.09
C MET B 144 9.19 -12.24 -0.89
N LEU B 145 8.40 -11.94 0.15
CA LEU B 145 7.09 -12.54 0.35
C LEU B 145 6.04 -11.55 -0.10
N VAL B 146 5.05 -12.04 -0.85
CA VAL B 146 3.89 -11.25 -1.25
C VAL B 146 2.67 -12.06 -0.83
N VAL B 147 1.86 -11.50 0.05
CA VAL B 147 0.73 -12.23 0.61
C VAL B 147 -0.59 -11.47 0.51
N GLY B 148 -1.55 -12.11 -0.15
CA GLY B 148 -2.92 -11.64 -0.19
C GLY B 148 -3.68 -12.33 0.92
N THR B 149 -4.39 -11.55 1.71
CA THR B 149 -5.13 -12.06 2.86
C THR B 149 -6.43 -11.30 3.05
N GLU B 150 -7.46 -12.02 3.49
CA GLU B 150 -8.77 -11.42 3.59
C GLU B 150 -9.65 -12.11 4.63
N LYS B 151 -10.15 -11.32 5.58
CA LYS B 151 -11.21 -11.82 6.46
C LYS B 151 -12.47 -10.98 6.20
N LEU B 152 -13.25 -11.41 5.21
CA LEU B 152 -14.40 -10.66 4.71
C LEU B 152 -15.70 -10.95 5.45
N SER B 153 -15.79 -12.13 6.08
CA SER B 153 -17.02 -12.57 6.74
C SER B 153 -17.62 -11.55 7.74
N PRO B 154 -16.78 -10.87 8.57
CA PRO B 154 -17.38 -9.88 9.46
C PRO B 154 -17.98 -8.64 8.75
N THR B 155 -17.60 -8.42 7.50
CA THR B 155 -18.08 -7.25 6.74
C THR B 155 -19.41 -7.49 6.02
N ILE B 156 -19.91 -8.72 6.10
CA ILE B 156 -21.10 -9.12 5.36
C ILE B 156 -22.39 -8.74 6.08
N ASP B 157 -23.26 -8.03 5.38
CA ASP B 157 -24.64 -7.83 5.81
C ASP B 157 -25.43 -9.06 5.37
N MET B 158 -25.76 -9.93 6.34
CA MET B 158 -26.51 -11.16 6.04
C MET B 158 -27.94 -10.92 5.56
N TYR B 159 -28.37 -9.67 5.55
CA TYR B 159 -29.67 -9.29 4.98
C TYR B 159 -29.53 -8.73 3.55
N ASP B 160 -28.29 -8.47 3.13
CA ASP B 160 -28.04 -8.01 1.77
C ASP B 160 -28.07 -9.20 0.79
N ARG B 161 -29.22 -9.36 0.13
CA ARG B 161 -29.45 -10.49 -0.76
C ARG B 161 -28.69 -10.38 -2.09
N GLY B 162 -27.92 -9.31 -2.24
CA GLY B 162 -27.13 -9.09 -3.43
C GLY B 162 -25.70 -9.61 -3.35
N ASN B 163 -25.15 -9.71 -2.14
CA ASN B 163 -23.74 -10.10 -1.98
C ASN B 163 -23.37 -11.03 -0.81
N CYS B 164 -24.32 -11.30 0.09
CA CYS B 164 -24.04 -12.06 1.32
C CYS B 164 -23.47 -13.46 1.07
N PHE B 165 -23.74 -13.99 -0.12
CA PHE B 165 -23.26 -15.33 -0.50
C PHE B 165 -21.95 -15.31 -1.29
N ILE B 166 -21.41 -14.11 -1.52
CA ILE B 166 -20.25 -13.94 -2.41
C ILE B 166 -18.90 -14.01 -1.69
N PHE B 167 -18.75 -13.26 -0.60
CA PHE B 167 -17.43 -13.02 0.01
C PHE B 167 -17.05 -14.05 1.07
N ALA B 168 -15.75 -14.37 1.16
CA ALA B 168 -15.26 -15.37 2.11
C ALA B 168 -13.83 -15.08 2.57
N ASP B 169 -13.33 -15.95 3.45
CA ASP B 169 -12.06 -15.75 4.14
C ASP B 169 -10.95 -16.68 3.64
N GLY B 170 -9.72 -16.19 3.68
CA GLY B 170 -8.56 -16.98 3.28
C GLY B 170 -7.32 -16.13 3.10
N ALA B 171 -6.18 -16.80 2.91
CA ALA B 171 -4.92 -16.14 2.61
C ALA B 171 -4.01 -17.03 1.78
N ALA B 172 -3.24 -16.40 0.89
CA ALA B 172 -2.19 -17.12 0.16
C ALA B 172 -1.02 -16.20 -0.15
N ALA B 173 0.17 -16.78 -0.08
CA ALA B 173 1.42 -16.03 -0.25
C ALA B 173 2.30 -16.63 -1.34
N VAL B 174 3.10 -15.79 -1.98
CA VAL B 174 4.13 -16.26 -2.90
C VAL B 174 5.52 -15.79 -2.46
N VAL B 175 6.52 -16.64 -2.70
CA VAL B 175 7.91 -16.23 -2.55
C VAL B 175 8.38 -15.78 -3.94
N VAL B 176 8.96 -14.59 -3.99
CA VAL B 176 9.43 -14.01 -5.23
C VAL B 176 10.95 -13.81 -5.10
N GLY B 177 11.70 -14.25 -6.10
CA GLY B 177 13.15 -14.12 -6.10
C GLY B 177 13.78 -14.38 -7.45
N GLU B 178 15.10 -14.42 -7.49
CA GLU B 178 15.85 -14.67 -8.73
C GLU B 178 15.63 -16.10 -9.26
N THR B 179 15.31 -16.19 -10.54
CA THR B 179 15.12 -17.46 -11.24
C THR B 179 16.02 -17.47 -12.49
N PRO B 180 16.38 -18.66 -13.00
CA PRO B 180 17.24 -18.72 -14.21
C PRO B 180 16.63 -18.03 -15.44
N PHE B 181 15.32 -18.10 -15.58
CA PHE B 181 14.62 -17.43 -16.68
C PHE B 181 13.55 -16.50 -16.14
N GLN B 182 13.15 -15.51 -16.95
CA GLN B 182 12.16 -14.52 -16.54
C GLN B 182 10.84 -15.21 -16.22
N GLY B 183 10.37 -15.00 -14.99
CA GLY B 183 9.19 -15.72 -14.50
C GLY B 183 8.01 -14.83 -14.19
N ILE B 184 8.18 -13.51 -14.32
CA ILE B 184 7.12 -12.54 -14.04
C ILE B 184 7.11 -11.47 -15.12
N GLY B 185 6.05 -11.46 -15.92
CA GLY B 185 5.88 -10.51 -17.01
C GLY B 185 5.60 -9.09 -16.54
N PRO B 186 5.72 -8.12 -17.46
CA PRO B 186 5.46 -6.72 -17.14
C PRO B 186 4.03 -6.53 -16.63
N THR B 187 3.89 -5.66 -15.64
CA THR B 187 2.61 -5.36 -15.01
C THR B 187 1.75 -4.54 -15.95
N VAL B 188 0.51 -4.99 -16.12
CA VAL B 188 -0.52 -4.22 -16.82
C VAL B 188 -1.60 -3.90 -15.80
N ALA B 189 -1.79 -2.62 -15.53
CA ALA B 189 -2.67 -2.19 -14.47
C ALA B 189 -3.36 -0.88 -14.81
N GLY B 190 -4.45 -0.60 -14.10
CA GLY B 190 -5.27 0.56 -14.37
C GLY B 190 -6.46 0.63 -13.43
N SER B 191 -7.34 1.61 -13.66
N SER B 191 -7.32 1.63 -13.65
CA SER B 191 -8.49 1.82 -12.80
CA SER B 191 -8.46 1.90 -12.78
C SER B 191 -9.65 2.46 -13.54
C SER B 191 -9.67 2.43 -13.56
N ASP B 192 -10.79 2.57 -12.86
CA ASP B 192 -11.87 3.47 -13.28
C ASP B 192 -12.41 4.09 -11.99
N GLY B 193 -11.79 5.20 -11.58
CA GLY B 193 -12.16 5.90 -10.36
C GLY B 193 -13.56 6.49 -10.32
N GLU B 194 -14.17 6.65 -11.49
CA GLU B 194 -15.52 7.20 -11.62
C GLU B 194 -16.59 6.18 -11.22
N GLN B 195 -16.18 4.92 -11.12
CA GLN B 195 -17.08 3.85 -10.67
C GLN B 195 -16.68 3.32 -9.30
N ALA B 196 -16.02 4.15 -8.50
CA ALA B 196 -15.52 3.76 -7.17
C ALA B 196 -16.64 3.29 -6.23
N ASP B 197 -17.86 3.77 -6.45
CA ASP B 197 -19.00 3.41 -5.60
C ASP B 197 -19.56 2.01 -5.85
N ALA B 198 -19.04 1.32 -6.87
CA ALA B 198 -19.57 0.02 -7.31
C ALA B 198 -19.29 -1.10 -6.30
N ILE B 199 -18.12 -1.06 -5.66
CA ILE B 199 -17.80 -1.96 -4.55
C ILE B 199 -17.22 -1.10 -3.44
N ARG B 200 -17.90 -1.08 -2.29
CA ARG B 200 -17.60 -0.10 -1.25
C ARG B 200 -18.01 -0.54 0.16
N GLN B 201 -17.27 -0.06 1.15
CA GLN B 201 -17.78 0.12 2.49
C GLN B 201 -18.76 1.30 2.41
N ASP B 202 -19.99 1.12 2.87
CA ASP B 202 -21.04 2.13 2.62
C ASP B 202 -20.98 3.37 3.51
N ILE B 203 -20.49 3.18 4.74
CA ILE B 203 -20.34 4.29 5.69
C ILE B 203 -18.92 4.28 6.22
N ASP B 204 -18.22 5.41 6.12
CA ASP B 204 -16.83 5.46 6.56
C ASP B 204 -16.75 5.36 8.09
N TRP B 205 -15.65 4.79 8.57
CA TRP B 205 -15.51 4.40 9.97
C TRP B 205 -15.66 5.55 10.97
N ILE B 206 -15.18 6.74 10.58
CA ILE B 206 -15.27 7.92 11.44
C ILE B 206 -16.71 8.45 11.55
N THR B 207 -17.39 8.54 10.40
CA THR B 207 -18.80 8.95 10.36
C THR B 207 -19.63 7.99 11.22
N PHE B 208 -19.37 6.70 11.09
CA PHE B 208 -19.97 5.67 11.92
C PHE B 208 -19.65 5.89 13.42
N ALA B 209 -18.38 6.10 13.74
CA ALA B 209 -17.95 6.31 15.13
C ALA B 209 -18.61 7.54 15.76
N GLN B 210 -18.79 8.58 14.95
CA GLN B 210 -19.43 9.82 15.42
C GLN B 210 -20.96 9.69 15.50
N ASN B 211 -21.50 8.63 14.89
CA ASN B 211 -22.95 8.41 14.87
C ASN B 211 -23.36 6.96 15.21
N PRO B 212 -23.00 6.46 16.42
CA PRO B 212 -23.26 5.06 16.78
C PRO B 212 -24.75 4.65 16.82
N SER B 213 -25.66 5.61 16.91
CA SER B 213 -27.09 5.32 16.88
C SER B 213 -27.62 5.08 15.47
N GLY B 214 -26.83 5.48 14.47
CA GLY B 214 -27.15 5.20 13.07
C GLY B 214 -26.70 3.79 12.65
N PRO B 215 -26.86 3.45 11.35
CA PRO B 215 -26.50 2.11 10.90
C PRO B 215 -24.98 1.87 10.89
N ARG B 216 -24.58 0.62 10.99
CA ARG B 216 -23.15 0.25 10.93
C ARG B 216 -22.72 0.00 9.47
N PRO B 217 -21.41 0.07 9.20
CA PRO B 217 -20.90 -0.16 7.85
C PRO B 217 -20.93 -1.62 7.42
N PHE B 218 -21.31 -1.85 6.16
CA PHE B 218 -21.18 -3.16 5.52
C PHE B 218 -20.60 -3.01 4.11
N VAL B 219 -20.09 -4.11 3.56
CA VAL B 219 -19.71 -4.18 2.15
C VAL B 219 -20.96 -4.10 1.27
N ARG B 220 -20.90 -3.26 0.25
CA ARG B 220 -21.97 -3.12 -0.74
C ARG B 220 -21.42 -3.31 -2.15
N LEU B 221 -22.26 -3.87 -3.01
CA LEU B 221 -21.85 -4.24 -4.35
C LEU B 221 -22.94 -3.89 -5.36
N GLU B 222 -22.58 -3.09 -6.36
CA GLU B 222 -23.46 -2.87 -7.49
C GLU B 222 -23.11 -3.92 -8.55
N GLY B 223 -23.73 -5.09 -8.39
CA GLY B 223 -23.43 -6.28 -9.21
C GLY B 223 -23.38 -6.05 -10.71
N PRO B 224 -24.47 -5.56 -11.31
CA PRO B 224 -24.53 -5.27 -12.75
C PRO B 224 -23.38 -4.39 -13.26
N ALA B 225 -23.10 -3.29 -12.57
CA ALA B 225 -21.99 -2.40 -12.96
C ALA B 225 -20.62 -3.11 -12.97
N VAL B 226 -20.38 -3.92 -11.94
CA VAL B 226 -19.13 -4.69 -11.82
C VAL B 226 -19.05 -5.79 -12.88
N PHE B 227 -20.15 -6.53 -13.03
CA PHE B 227 -20.27 -7.57 -14.05
C PHE B 227 -19.93 -7.02 -15.44
N ARG B 228 -20.59 -5.92 -15.79
CA ARG B 228 -20.45 -5.30 -17.11
C ARG B 228 -19.03 -4.79 -17.36
N TRP B 229 -18.43 -4.21 -16.33
CA TRP B 229 -17.06 -3.72 -16.42
C TRP B 229 -16.06 -4.87 -16.58
N ALA B 230 -16.15 -5.84 -15.69
CA ALA B 230 -15.22 -6.96 -15.69
C ALA B 230 -15.34 -7.81 -16.96
N ALA B 231 -16.55 -8.27 -17.27
CA ALA B 231 -16.77 -9.19 -18.39
C ALA B 231 -16.33 -8.61 -19.75
N PHE B 232 -16.51 -7.30 -19.93
CA PHE B 232 -16.29 -6.68 -21.23
C PHE B 232 -14.98 -5.90 -21.36
N LYS B 233 -14.32 -5.59 -20.24
CA LYS B 233 -13.09 -4.79 -20.28
C LYS B 233 -11.82 -5.58 -19.98
N MET B 234 -11.95 -6.67 -19.21
CA MET B 234 -10.79 -7.44 -18.77
C MET B 234 -10.14 -8.29 -19.87
N GLY B 235 -10.89 -8.55 -20.94
CA GLY B 235 -10.36 -9.26 -22.10
C GLY B 235 -9.22 -8.48 -22.73
N ASP B 236 -9.44 -7.18 -22.92
CA ASP B 236 -8.41 -6.29 -23.47
C ASP B 236 -7.21 -6.15 -22.53
N VAL B 237 -7.48 -6.19 -21.23
CA VAL B 237 -6.43 -6.14 -20.22
C VAL B 237 -5.54 -7.38 -20.34
N GLY B 238 -6.18 -8.55 -20.45
CA GLY B 238 -5.49 -9.81 -20.63
C GLY B 238 -4.61 -9.82 -21.86
N ARG B 239 -5.13 -9.28 -22.96
CA ARG B 239 -4.39 -9.18 -24.23
C ARG B 239 -3.15 -8.30 -24.11
N ARG B 240 -3.30 -7.17 -23.43
CA ARG B 240 -2.19 -6.26 -23.19
C ARG B 240 -1.06 -6.90 -22.38
N ALA B 241 -1.44 -7.67 -21.35
CA ALA B 241 -0.49 -8.36 -20.48
C ALA B 241 0.25 -9.48 -21.20
N MET B 242 -0.45 -10.18 -22.09
CA MET B 242 0.18 -11.20 -22.93
C MET B 242 1.13 -10.53 -23.93
N ASP B 243 0.68 -9.43 -24.51
N ASP B 243 0.69 -9.42 -24.53
CA ASP B 243 1.47 -8.62 -25.45
CA ASP B 243 1.52 -8.66 -25.45
C ASP B 243 2.76 -8.13 -24.77
C ASP B 243 2.78 -8.15 -24.77
N ALA B 244 2.61 -7.61 -23.55
CA ALA B 244 3.74 -7.12 -22.75
C ALA B 244 4.74 -8.23 -22.42
N ALA B 245 4.22 -9.42 -22.13
CA ALA B 245 5.04 -10.60 -21.83
C ALA B 245 5.64 -11.25 -23.07
N GLY B 246 5.24 -10.76 -24.25
CA GLY B 246 5.72 -11.32 -25.51
C GLY B 246 5.23 -12.73 -25.77
N VAL B 247 4.06 -13.06 -25.24
CA VAL B 247 3.46 -14.38 -25.48
C VAL B 247 2.13 -14.24 -26.23
N ARG B 248 1.73 -15.31 -26.91
CA ARG B 248 0.47 -15.32 -27.64
C ARG B 248 -0.63 -15.99 -26.79
N PRO B 249 -1.91 -15.63 -27.03
CA PRO B 249 -3.03 -16.28 -26.35
C PRO B 249 -2.96 -17.81 -26.39
N ASP B 250 -2.61 -18.37 -27.55
CA ASP B 250 -2.51 -19.83 -27.71
C ASP B 250 -1.37 -20.47 -26.91
N GLN B 251 -0.48 -19.65 -26.35
CA GLN B 251 0.65 -20.15 -25.56
C GLN B 251 0.33 -20.26 -24.06
N ILE B 252 -0.76 -19.61 -23.64
CA ILE B 252 -1.19 -19.65 -22.23
C ILE B 252 -1.65 -21.07 -21.85
N ASP B 253 -1.06 -21.59 -20.78
CA ASP B 253 -1.39 -22.93 -20.28
C ASP B 253 -2.49 -22.87 -19.24
N VAL B 254 -2.45 -21.81 -18.42
CA VAL B 254 -3.31 -21.66 -17.25
C VAL B 254 -3.85 -20.23 -17.23
N PHE B 255 -5.16 -20.10 -17.01
CA PHE B 255 -5.79 -18.80 -16.86
C PHE B 255 -6.34 -18.64 -15.44
N VAL B 256 -5.83 -17.64 -14.71
CA VAL B 256 -6.26 -17.37 -13.34
C VAL B 256 -6.88 -15.98 -13.20
N PRO B 257 -8.16 -15.83 -13.57
CA PRO B 257 -8.85 -14.57 -13.28
C PRO B 257 -9.22 -14.52 -11.80
N HIS B 258 -9.36 -13.31 -11.26
CA HIS B 258 -9.84 -13.17 -9.89
C HIS B 258 -11.16 -13.92 -9.78
N GLN B 259 -11.30 -14.68 -8.68
CA GLN B 259 -12.48 -15.52 -8.48
C GLN B 259 -13.65 -14.69 -7.94
N PHE B 260 -14.03 -13.67 -8.70
CA PHE B 260 -15.13 -12.79 -8.31
C PHE B 260 -16.49 -13.45 -8.54
N ASN B 261 -16.66 -14.01 -9.74
CA ASN B 261 -17.91 -14.61 -10.21
C ASN B 261 -17.59 -15.52 -11.40
N SER B 262 -18.04 -16.78 -11.33
CA SER B 262 -17.76 -17.78 -12.39
C SER B 262 -18.33 -17.39 -13.73
N ARG B 263 -19.47 -16.71 -13.71
CA ARG B 263 -20.18 -16.36 -14.94
C ARG B 263 -19.46 -15.23 -15.67
N ILE B 264 -18.90 -14.29 -14.92
CA ILE B 264 -18.01 -13.27 -15.48
C ILE B 264 -16.81 -13.96 -16.12
N ASN B 265 -16.21 -14.88 -15.37
CA ASN B 265 -15.00 -15.56 -15.82
C ASN B 265 -15.21 -16.46 -17.04
N GLU B 266 -16.38 -17.10 -17.12
CA GLU B 266 -16.76 -17.88 -18.31
C GLU B 266 -16.79 -16.99 -19.55
N LEU B 267 -17.35 -15.80 -19.42
CA LEU B 267 -17.38 -14.83 -20.51
C LEU B 267 -15.97 -14.33 -20.87
N LEU B 268 -15.12 -14.17 -19.86
CA LEU B 268 -13.71 -13.79 -20.07
C LEU B 268 -12.93 -14.84 -20.85
N VAL B 269 -13.06 -16.10 -20.44
CA VAL B 269 -12.44 -17.24 -21.13
C VAL B 269 -12.71 -17.19 -22.63
N LYS B 270 -14.00 -17.11 -22.99
CA LYS B 270 -14.44 -17.04 -24.38
C LYS B 270 -13.84 -15.85 -25.13
N ASN B 271 -13.89 -14.67 -24.51
CA ASN B 271 -13.34 -13.45 -25.09
C ASN B 271 -11.84 -13.54 -25.37
N LEU B 272 -11.09 -14.15 -24.45
CA LEU B 272 -9.63 -14.25 -24.53
C LEU B 272 -9.12 -15.23 -25.57
N GLN B 273 -10.00 -16.10 -26.07
CA GLN B 273 -9.67 -17.04 -27.15
C GLN B 273 -8.38 -17.84 -26.89
N LEU B 274 -8.33 -18.48 -25.73
CA LEU B 274 -7.22 -19.35 -25.38
C LEU B 274 -7.43 -20.71 -26.04
N ARG B 275 -6.46 -21.61 -25.91
CA ARG B 275 -6.60 -22.98 -26.40
C ARG B 275 -7.81 -23.64 -25.76
N PRO B 276 -8.47 -24.58 -26.48
CA PRO B 276 -9.56 -25.34 -25.87
C PRO B 276 -9.13 -26.08 -24.61
N ASP B 277 -7.86 -26.48 -24.55
CA ASP B 277 -7.35 -27.25 -23.42
C ASP B 277 -6.68 -26.40 -22.35
N ALA B 278 -6.83 -25.08 -22.45
CA ALA B 278 -6.31 -24.18 -21.42
C ALA B 278 -7.05 -24.43 -20.11
N VAL B 279 -6.29 -24.44 -19.01
CA VAL B 279 -6.84 -24.70 -17.68
C VAL B 279 -7.30 -23.39 -17.05
N VAL B 280 -8.54 -23.37 -16.59
CA VAL B 280 -9.13 -22.16 -16.02
C VAL B 280 -9.38 -22.34 -14.52
N ALA B 281 -8.84 -21.44 -13.72
CA ALA B 281 -9.03 -21.44 -12.27
C ALA B 281 -10.52 -21.36 -11.92
N ASN B 282 -10.96 -22.27 -11.06
CA ASN B 282 -12.36 -22.33 -10.60
C ASN B 282 -12.46 -22.52 -9.08
N ASP B 283 -11.46 -22.00 -8.35
CA ASP B 283 -11.39 -22.15 -6.89
C ASP B 283 -12.57 -21.50 -6.16
N ILE B 284 -13.30 -20.62 -6.85
CA ILE B 284 -14.47 -19.95 -6.30
C ILE B 284 -15.55 -20.93 -5.83
N GLU B 285 -15.56 -22.12 -6.40
CA GLU B 285 -16.56 -23.13 -6.09
C GLU B 285 -16.61 -23.51 -4.62
N HIS B 286 -15.44 -23.59 -3.96
CA HIS B 286 -15.39 -23.94 -2.54
C HIS B 286 -14.58 -22.97 -1.68
N THR B 287 -14.24 -21.83 -2.27
CA THR B 287 -13.45 -20.80 -1.60
C THR B 287 -14.19 -19.46 -1.63
N GLY B 288 -15.15 -19.34 -2.54
CA GLY B 288 -15.88 -18.09 -2.73
C GLY B 288 -14.97 -16.99 -3.23
N ASN B 289 -15.40 -15.75 -3.07
CA ASN B 289 -14.60 -14.58 -3.46
C ASN B 289 -13.82 -14.02 -2.27
N THR B 290 -12.51 -14.25 -2.27
CA THR B 290 -11.64 -13.82 -1.17
C THR B 290 -10.81 -12.58 -1.54
N SER B 291 -11.36 -11.74 -2.40
CA SER B 291 -10.72 -10.48 -2.80
C SER B 291 -9.21 -10.57 -3.10
N ALA B 292 -8.38 -9.88 -2.31
CA ALA B 292 -6.94 -9.79 -2.57
C ALA B 292 -6.18 -11.13 -2.47
N ALA B 293 -6.75 -12.08 -1.73
CA ALA B 293 -6.15 -13.40 -1.53
C ALA B 293 -6.47 -14.36 -2.67
N SER B 294 -7.40 -13.95 -3.52
CA SER B 294 -8.08 -14.85 -4.46
C SER B 294 -7.18 -15.50 -5.50
N ILE B 295 -6.34 -14.71 -6.16
CA ILE B 295 -5.47 -15.21 -7.23
C ILE B 295 -4.42 -16.24 -6.74
N PRO B 296 -3.62 -15.90 -5.71
CA PRO B 296 -2.69 -16.90 -5.19
C PRO B 296 -3.36 -18.16 -4.63
N LEU B 297 -4.50 -18.01 -3.96
CA LEU B 297 -5.33 -19.15 -3.54
C LEU B 297 -5.75 -20.03 -4.72
N ALA B 298 -6.16 -19.38 -5.81
CA ALA B 298 -6.56 -20.08 -7.04
C ALA B 298 -5.38 -20.81 -7.70
N MET B 299 -4.19 -20.20 -7.62
CA MET B 299 -2.96 -20.81 -8.11
C MET B 299 -2.61 -22.06 -7.30
N ALA B 300 -2.70 -21.94 -5.98
CA ALA B 300 -2.44 -23.06 -5.06
C ALA B 300 -3.41 -24.22 -5.26
N GLU B 301 -4.70 -23.90 -5.48
CA GLU B 301 -5.72 -24.91 -5.74
C GLU B 301 -5.39 -25.72 -6.99
N LEU B 302 -5.02 -25.02 -8.06
CA LEU B 302 -4.67 -25.66 -9.34
C LEU B 302 -3.44 -26.57 -9.23
N LEU B 303 -2.45 -26.13 -8.46
CA LEU B 303 -1.26 -26.95 -8.23
C LEU B 303 -1.59 -28.16 -7.35
N THR B 304 -2.49 -27.95 -6.36
CA THR B 304 -2.89 -29.00 -5.42
C THR B 304 -3.66 -30.14 -6.11
N THR B 305 -4.56 -29.78 -7.04
CA THR B 305 -5.28 -30.78 -7.83
C THR B 305 -4.38 -31.37 -8.92
N GLY B 306 -3.36 -30.61 -9.32
CA GLY B 306 -2.43 -31.05 -10.35
C GLY B 306 -2.84 -30.62 -11.75
N ALA B 307 -3.94 -29.85 -11.84
CA ALA B 307 -4.41 -29.29 -13.10
C ALA B 307 -3.36 -28.34 -13.72
N ALA B 308 -2.66 -27.62 -12.85
CA ALA B 308 -1.51 -26.82 -13.26
C ALA B 308 -0.23 -27.48 -12.74
N LYS B 309 0.85 -27.32 -13.49
CA LYS B 309 2.14 -27.82 -13.10
C LYS B 309 3.10 -26.64 -12.89
N PRO B 310 4.13 -26.82 -12.04
CA PRO B 310 5.15 -25.78 -11.94
C PRO B 310 5.79 -25.53 -13.29
N GLY B 311 6.01 -24.26 -13.63
CA GLY B 311 6.56 -23.89 -14.94
C GLY B 311 5.53 -23.55 -16.01
N ASP B 312 4.28 -23.95 -15.80
CA ASP B 312 3.17 -23.62 -16.72
C ASP B 312 3.04 -22.11 -16.90
N LEU B 313 2.72 -21.68 -18.12
CA LEU B 313 2.55 -20.27 -18.42
C LEU B 313 1.14 -19.84 -18.04
N ALA B 314 1.03 -18.90 -17.10
CA ALA B 314 -0.24 -18.48 -16.56
C ALA B 314 -0.55 -17.01 -16.80
N LEU B 315 -1.81 -16.74 -17.10
CA LEU B 315 -2.29 -15.37 -17.19
C LEU B 315 -3.14 -15.05 -15.95
N LEU B 316 -2.68 -14.08 -15.17
CA LEU B 316 -3.40 -13.64 -13.99
C LEU B 316 -4.08 -12.31 -14.26
N ILE B 317 -5.39 -12.23 -13.98
CA ILE B 317 -6.13 -10.97 -14.09
C ILE B 317 -6.89 -10.66 -12.80
N GLY B 318 -6.46 -9.60 -12.12
CA GLY B 318 -7.14 -9.11 -10.93
C GLY B 318 -7.99 -7.92 -11.28
N TYR B 319 -9.24 -7.94 -10.81
CA TYR B 319 -10.19 -6.86 -11.02
C TYR B 319 -11.11 -6.77 -9.82
N GLY B 320 -11.54 -5.56 -9.49
CA GLY B 320 -12.46 -5.32 -8.39
C GLY B 320 -12.49 -3.88 -7.94
N ALA B 321 -12.59 -3.69 -6.62
CA ALA B 321 -12.86 -2.40 -5.97
C ALA B 321 -11.91 -1.26 -6.33
N GLY B 322 -12.40 -0.04 -6.13
CA GLY B 322 -11.74 1.19 -6.57
C GLY B 322 -12.18 1.37 -7.99
N LEU B 323 -12.73 0.28 -8.51
CA LEU B 323 -12.55 -0.17 -9.87
C LEU B 323 -11.07 -0.09 -10.18
N SER B 324 -10.38 -1.20 -9.93
N SER B 324 -10.39 -1.21 -9.97
CA SER B 324 -8.94 -1.34 -10.14
CA SER B 324 -8.95 -1.33 -10.15
C SER B 324 -8.63 -2.67 -10.80
C SER B 324 -8.59 -2.67 -10.77
N TYR B 325 -7.67 -2.66 -11.71
CA TYR B 325 -7.20 -3.91 -12.34
C TYR B 325 -5.69 -3.99 -12.41
N ALA B 326 -5.18 -5.22 -12.26
CA ALA B 326 -3.77 -5.52 -12.40
C ALA B 326 -3.63 -6.94 -12.93
N ALA B 327 -2.80 -7.08 -13.96
CA ALA B 327 -2.64 -8.35 -14.66
C ALA B 327 -1.19 -8.53 -15.10
N GLN B 328 -0.79 -9.80 -15.25
CA GLN B 328 0.55 -10.16 -15.74
C GLN B 328 0.60 -11.63 -16.14
N VAL B 329 1.53 -11.96 -17.03
CA VAL B 329 1.81 -13.36 -17.35
C VAL B 329 2.94 -13.82 -16.43
N VAL B 330 2.75 -14.99 -15.82
CA VAL B 330 3.76 -15.57 -14.94
C VAL B 330 3.98 -17.05 -15.26
N ARG B 331 5.08 -17.60 -14.76
CA ARG B 331 5.27 -19.03 -14.77
C ARG B 331 4.88 -19.57 -13.40
N MET B 332 4.06 -20.62 -13.40
CA MET B 332 3.54 -21.22 -12.16
C MET B 332 4.65 -21.68 -11.21
N PRO B 333 4.43 -21.50 -9.90
CA PRO B 333 5.45 -21.78 -8.90
C PRO B 333 5.39 -23.20 -8.34
N LYS B 334 6.11 -23.41 -7.23
CA LYS B 334 6.14 -24.63 -6.41
C LYS B 334 7.24 -25.62 -6.76
#